data_8K1R
#
_entry.id   8K1R
#
_cell.length_a   73.580
_cell.length_b   101.750
_cell.length_c   182.760
_cell.angle_alpha   90.000
_cell.angle_beta   90.000
_cell.angle_gamma   90.000
#
_symmetry.space_group_name_H-M   'P 21 2 21'
#
loop_
_entity.id
_entity.type
_entity.pdbx_description
1 polymer 'Spirochaeta thermophila YeeE(TsuA)-YeeD(TsuB),UPF0033 domain-containing protein, SirA-like domain-containing protein (chimera)'
2 non-polymer '(2R)-2,3-dihydroxypropyl (9Z)-octadec-9-enoate'
3 water water
#
_entity_poly.entity_id   1
_entity_poly.type   'polypeptide(L)'
_entity_poly.pdbx_seq_one_letter_code
;MIWTGLLVGFLFGIVLQRGRIAFNSAFRDVLLFKDNYLFKLAVFTLALEMILFVLLSQVGLMQMNPKPLNLVGNIIGGFV
FGLGMVLAGGCASGVTYRVGEGLTTAWFAALFYGLGAYATKSGAFSWWLSWVGQFKSPLSVEESAYYVKGAGPTISSVLG
LNPWIPALVIAALFILWAFGTKTTSRETKFNWKIASVCLALVAGLGFITSTLSGRKYGLGITGGWINLFQGFLTNSPLNW
EGLEIVGIILGAGVAAAVAGEFKLRMPKNPVTYLQVGIGGLLMGIGAVTAGGCNIGHFLTGVPQLALSSWLASIFFILGN
WTMAWILFRRAATPTPVAEAAPSSAEDRVLPFQVATGAVALQTAPRVKKAMANYQVSKEIDVRGEVCPIPDVEAKRAVQS
ANDGEIILVRIDYPASKERIPETVKKLGSEVLEIEEAAPGEWNIYIKVKKGSSGENLYFQ
;
_entity_poly.pdbx_strand_id   B,A
#
# COMPACT_ATOMS: atom_id res chain seq x y z
N MET A 1 -9.88 -30.16 2.56
CA MET A 1 -9.23 -30.15 1.26
C MET A 1 -8.62 -28.79 0.91
N ILE A 2 -9.46 -27.75 1.02
CA ILE A 2 -9.06 -26.37 0.71
C ILE A 2 -7.78 -25.99 1.44
N TRP A 3 -7.58 -26.50 2.65
N TRP A 3 -7.58 -26.51 2.66
CA TRP A 3 -6.40 -26.14 3.42
CA TRP A 3 -6.41 -26.18 3.46
C TRP A 3 -5.11 -26.78 2.90
C TRP A 3 -5.11 -26.72 2.85
N THR A 4 -5.18 -27.67 1.92
CA THR A 4 -3.95 -28.13 1.27
C THR A 4 -3.30 -27.02 0.43
N GLY A 5 -4.07 -25.98 0.09
CA GLY A 5 -3.48 -24.84 -0.62
C GLY A 5 -2.44 -24.12 0.21
N LEU A 6 -2.67 -24.04 1.53
CA LEU A 6 -1.68 -23.43 2.40
C LEU A 6 -0.39 -24.23 2.38
N LEU A 7 -0.50 -25.55 2.40
CA LEU A 7 0.68 -26.39 2.38
C LEU A 7 1.40 -26.32 1.03
N VAL A 8 0.68 -26.59 -0.06
CA VAL A 8 1.27 -26.46 -1.39
C VAL A 8 1.89 -25.08 -1.55
N GLY A 9 1.15 -24.03 -1.14
CA GLY A 9 1.65 -22.67 -1.28
C GLY A 9 2.88 -22.44 -0.45
N PHE A 10 2.92 -23.02 0.75
CA PHE A 10 4.09 -22.96 1.60
C PHE A 10 5.32 -23.57 0.91
N LEU A 11 5.17 -24.78 0.36
CA LEU A 11 6.30 -25.38 -0.36
C LEU A 11 6.66 -24.54 -1.60
N PHE A 12 5.65 -24.14 -2.38
CA PHE A 12 5.86 -23.24 -3.51
C PHE A 12 6.75 -22.07 -3.10
N GLY A 13 6.39 -21.41 -2.00
CA GLY A 13 7.10 -20.21 -1.59
C GLY A 13 8.55 -20.45 -1.22
N ILE A 14 8.82 -21.59 -0.58
CA ILE A 14 10.20 -21.94 -0.23
C ILE A 14 11.04 -22.11 -1.48
N VAL A 15 10.53 -22.86 -2.47
CA VAL A 15 11.24 -23.06 -3.72
C VAL A 15 11.49 -21.73 -4.44
N LEU A 16 10.46 -20.89 -4.55
CA LEU A 16 10.64 -19.59 -5.20
C LEU A 16 11.72 -18.78 -4.51
N GLN A 17 11.65 -18.72 -3.16
CA GLN A 17 12.56 -17.87 -2.42
C GLN A 17 13.99 -18.43 -2.46
N ARG A 18 14.15 -19.75 -2.27
CA ARG A 18 15.51 -20.28 -2.22
C ARG A 18 16.18 -20.24 -3.59
N GLY A 19 15.42 -20.53 -4.65
CA GLY A 19 15.98 -20.52 -5.99
C GLY A 19 16.10 -19.17 -6.64
N ARG A 20 15.54 -18.12 -6.03
CA ARG A 20 15.46 -16.80 -6.65
C ARG A 20 14.71 -16.85 -7.98
N ILE A 21 13.61 -17.61 -8.00
CA ILE A 21 12.89 -17.89 -9.23
C ILE A 21 11.94 -16.75 -9.56
N ALA A 22 12.43 -15.79 -10.34
CA ALA A 22 11.66 -14.61 -10.77
C ALA A 22 11.65 -14.58 -12.29
N PHE A 23 10.51 -14.95 -12.88
CA PHE A 23 10.40 -15.01 -14.33
C PHE A 23 10.53 -13.64 -14.96
N ASN A 24 10.00 -12.60 -14.31
CA ASN A 24 10.25 -11.24 -14.79
C ASN A 24 11.73 -11.00 -15.00
N SER A 25 12.57 -11.46 -14.06
CA SER A 25 14.02 -11.42 -14.27
C SER A 25 14.45 -12.36 -15.41
N ALA A 26 13.83 -13.54 -15.52
CA ALA A 26 14.24 -14.52 -16.53
C ALA A 26 14.05 -14.00 -17.94
N PHE A 27 12.91 -13.35 -18.20
CA PHE A 27 12.65 -12.75 -19.51
C PHE A 27 13.55 -11.52 -19.72
N ARG A 28 13.70 -10.70 -18.69
CA ARG A 28 14.44 -9.45 -18.82
C ARG A 28 15.93 -9.72 -19.05
N ASP A 29 16.52 -10.55 -18.21
CA ASP A 29 17.97 -10.73 -18.26
C ASP A 29 18.42 -11.54 -19.46
N VAL A 30 17.51 -12.22 -20.17
CA VAL A 30 17.95 -12.92 -21.38
C VAL A 30 18.06 -11.97 -22.56
N LEU A 31 17.52 -10.75 -22.44
CA LEU A 31 17.62 -9.67 -23.40
C LEU A 31 18.68 -8.65 -23.03
N LEU A 32 18.65 -8.16 -21.79
CA LEU A 32 19.57 -7.11 -21.35
C LEU A 32 21.01 -7.63 -21.26
N PHE A 33 21.21 -8.81 -20.69
CA PHE A 33 22.54 -9.29 -20.34
C PHE A 33 22.84 -10.70 -20.84
N LYS A 34 22.02 -11.23 -21.76
CA LYS A 34 22.20 -12.59 -22.29
C LYS A 34 22.36 -13.61 -21.16
N ASP A 35 21.57 -13.44 -20.10
CA ASP A 35 21.59 -14.35 -18.95
C ASP A 35 20.45 -15.35 -19.09
N ASN A 36 20.78 -16.64 -19.10
CA ASN A 36 19.80 -17.67 -19.37
C ASN A 36 19.66 -18.65 -18.20
N TYR A 37 20.30 -18.35 -17.07
CA TYR A 37 20.19 -19.23 -15.92
C TYR A 37 18.74 -19.52 -15.57
N LEU A 38 17.98 -18.46 -15.27
CA LEU A 38 16.57 -18.59 -14.92
C LEU A 38 15.73 -19.07 -16.11
N PHE A 39 16.21 -18.85 -17.33
CA PHE A 39 15.47 -19.40 -18.46
C PHE A 39 15.67 -20.90 -18.59
N LYS A 40 16.88 -21.39 -18.29
CA LYS A 40 17.07 -22.84 -18.27
C LYS A 40 16.20 -23.50 -17.22
N LEU A 41 16.15 -22.91 -16.01
CA LEU A 41 15.25 -23.36 -14.96
C LEU A 41 13.81 -23.45 -15.48
N ALA A 42 13.33 -22.36 -16.12
CA ALA A 42 11.98 -22.36 -16.66
C ALA A 42 11.76 -23.48 -17.68
N VAL A 43 12.69 -23.63 -18.63
CA VAL A 43 12.50 -24.60 -19.70
C VAL A 43 12.55 -26.03 -19.15
N PHE A 44 13.53 -26.31 -18.30
CA PHE A 44 13.60 -27.64 -17.70
C PHE A 44 12.35 -27.95 -16.88
N THR A 45 11.86 -26.97 -16.10
CA THR A 45 10.65 -27.18 -15.31
C THR A 45 9.43 -27.45 -16.19
N LEU A 46 9.23 -26.62 -17.23
CA LEU A 46 8.17 -26.86 -18.18
C LEU A 46 8.26 -28.27 -18.77
N ALA A 47 9.48 -28.70 -19.11
CA ALA A 47 9.66 -30.05 -19.64
C ALA A 47 9.23 -31.10 -18.63
N LEU A 48 9.74 -31.00 -17.39
CA LEU A 48 9.30 -31.96 -16.37
C LEU A 48 7.79 -31.92 -16.19
N GLU A 49 7.20 -30.71 -16.13
CA GLU A 49 5.77 -30.62 -15.93
C GLU A 49 5.01 -31.25 -17.08
N MET A 50 5.50 -31.06 -18.31
CA MET A 50 4.91 -31.72 -19.48
C MET A 50 4.78 -33.22 -19.27
N ILE A 51 5.86 -33.86 -18.81
CA ILE A 51 5.81 -35.31 -18.60
C ILE A 51 4.92 -35.64 -17.41
N LEU A 52 5.04 -34.84 -16.34
CA LEU A 52 4.36 -35.13 -15.08
C LEU A 52 2.84 -34.94 -15.20
N PHE A 53 2.40 -33.87 -15.86
CA PHE A 53 0.97 -33.60 -15.93
C PHE A 53 0.26 -34.68 -16.73
N VAL A 54 0.89 -35.18 -17.80
CA VAL A 54 0.21 -36.23 -18.56
C VAL A 54 0.32 -37.56 -17.82
N LEU A 55 1.47 -37.83 -17.18
CA LEU A 55 1.58 -39.05 -16.38
C LEU A 55 0.53 -39.08 -15.26
N LEU A 56 0.39 -37.95 -14.52
CA LEU A 56 -0.56 -37.89 -13.42
C LEU A 56 -2.00 -38.00 -13.89
N SER A 57 -2.28 -37.54 -15.11
CA SER A 57 -3.60 -37.71 -15.69
C SER A 57 -3.84 -39.16 -16.11
N GLN A 58 -2.79 -39.82 -16.62
CA GLN A 58 -2.94 -41.20 -17.09
C GLN A 58 -3.39 -42.12 -15.96
N VAL A 59 -2.73 -42.02 -14.80
CA VAL A 59 -3.07 -42.89 -13.66
C VAL A 59 -4.26 -42.39 -12.87
N GLY A 60 -4.91 -41.31 -13.26
CA GLY A 60 -6.15 -40.91 -12.63
C GLY A 60 -6.03 -39.98 -11.44
N LEU A 61 -4.87 -39.32 -11.25
CA LEU A 61 -4.74 -38.40 -10.13
C LEU A 61 -5.20 -36.98 -10.45
N MET A 62 -5.43 -36.65 -11.72
CA MET A 62 -5.87 -35.31 -12.12
C MET A 62 -6.27 -35.41 -13.59
N GLN A 63 -6.98 -34.39 -14.06
CA GLN A 63 -7.16 -34.12 -15.47
C GLN A 63 -6.59 -32.74 -15.77
N MET A 64 -5.90 -32.62 -16.90
CA MET A 64 -5.50 -31.31 -17.38
C MET A 64 -6.74 -30.49 -17.71
N ASN A 65 -6.62 -29.15 -17.58
CA ASN A 65 -7.72 -28.22 -17.84
C ASN A 65 -7.19 -26.97 -18.54
N PRO A 66 -6.82 -27.10 -19.81
CA PRO A 66 -6.27 -25.94 -20.53
C PRO A 66 -7.24 -24.78 -20.58
N LYS A 67 -6.73 -23.58 -20.34
CA LYS A 67 -7.57 -22.39 -20.35
C LYS A 67 -8.08 -22.12 -21.77
N PRO A 68 -9.25 -21.49 -21.89
CA PRO A 68 -9.83 -21.28 -23.23
C PRO A 68 -9.00 -20.31 -24.05
N LEU A 69 -9.13 -20.41 -25.37
CA LEU A 69 -8.42 -19.53 -26.28
C LEU A 69 -9.21 -18.23 -26.49
N ASN A 70 -8.50 -17.11 -26.46
CA ASN A 70 -9.08 -15.79 -26.71
C ASN A 70 -7.95 -14.90 -27.21
N LEU A 71 -7.87 -14.74 -28.54
CA LEU A 71 -6.72 -14.08 -29.15
C LEU A 71 -6.56 -12.65 -28.68
N VAL A 72 -7.66 -11.89 -28.61
CA VAL A 72 -7.59 -10.51 -28.16
C VAL A 72 -7.13 -10.43 -26.71
N GLY A 73 -7.76 -11.22 -25.84
CA GLY A 73 -7.37 -11.20 -24.45
C GLY A 73 -5.96 -11.70 -24.21
N ASN A 74 -5.64 -12.89 -24.75
CA ASN A 74 -4.33 -13.48 -24.52
C ASN A 74 -3.22 -12.57 -25.00
N ILE A 75 -3.41 -11.91 -26.14
CA ILE A 75 -2.36 -11.07 -26.70
C ILE A 75 -2.31 -9.72 -25.99
N ILE A 76 -3.42 -8.99 -25.97
CA ILE A 76 -3.39 -7.66 -25.40
C ILE A 76 -3.14 -7.74 -23.91
N GLY A 77 -3.89 -8.60 -23.21
CA GLY A 77 -3.69 -8.78 -21.79
C GLY A 77 -2.33 -9.35 -21.47
N GLY A 78 -1.88 -10.33 -22.26
CA GLY A 78 -0.52 -10.80 -22.11
C GLY A 78 0.49 -9.67 -22.18
N PHE A 79 0.39 -8.86 -23.22
CA PHE A 79 1.32 -7.74 -23.41
C PHE A 79 1.26 -6.77 -22.23
N VAL A 80 0.05 -6.39 -21.80
CA VAL A 80 -0.07 -5.41 -20.72
C VAL A 80 0.50 -5.99 -19.42
N PHE A 81 0.27 -7.28 -19.18
CA PHE A 81 0.88 -7.93 -18.03
C PHE A 81 2.41 -7.92 -18.12
N GLY A 82 2.94 -8.09 -19.34
CA GLY A 82 4.38 -7.96 -19.52
C GLY A 82 4.91 -6.59 -19.13
N LEU A 83 4.21 -5.53 -19.51
CA LEU A 83 4.65 -4.18 -19.12
C LEU A 83 4.68 -4.03 -17.59
N GLY A 84 3.62 -4.49 -16.91
CA GLY A 84 3.52 -4.26 -15.48
C GLY A 84 4.58 -5.01 -14.70
N MET A 85 4.92 -6.22 -15.16
CA MET A 85 6.03 -6.99 -14.61
C MET A 85 7.26 -6.15 -14.28
N VAL A 86 7.74 -5.44 -15.31
CA VAL A 86 8.96 -4.66 -15.21
C VAL A 86 8.74 -3.46 -14.31
N LEU A 87 7.62 -2.78 -14.48
CA LEU A 87 7.32 -1.63 -13.63
C LEU A 87 7.23 -2.01 -12.15
N ALA A 88 6.57 -3.13 -11.84
CA ALA A 88 6.42 -3.55 -10.46
C ALA A 88 7.64 -4.28 -9.91
N GLY A 89 8.70 -4.43 -10.69
CA GLY A 89 9.88 -5.04 -10.10
C GLY A 89 9.73 -6.52 -9.86
N GLY A 90 8.85 -7.17 -10.61
CA GLY A 90 8.68 -8.62 -10.59
C GLY A 90 7.33 -9.07 -11.11
N CYS A 91 7.24 -10.30 -11.61
CA CYS A 91 5.94 -10.85 -11.95
C CYS A 91 5.10 -11.10 -10.67
N ALA A 92 3.92 -11.67 -10.85
CA ALA A 92 2.98 -11.78 -9.74
C ALA A 92 3.47 -12.78 -8.69
N SER A 93 3.99 -13.94 -9.11
CA SER A 93 4.54 -14.85 -8.13
C SER A 93 5.77 -14.25 -7.45
N GLY A 94 6.57 -13.50 -8.21
CA GLY A 94 7.70 -12.81 -7.62
C GLY A 94 7.30 -11.73 -6.63
N VAL A 95 6.38 -10.86 -7.03
CA VAL A 95 5.85 -9.88 -6.09
C VAL A 95 5.34 -10.59 -4.83
N THR A 96 4.54 -11.66 -5.03
CA THR A 96 3.90 -12.35 -3.90
C THR A 96 4.93 -12.85 -2.89
N TYR A 97 5.98 -13.53 -3.36
CA TYR A 97 6.91 -14.11 -2.39
C TYR A 97 7.85 -13.07 -1.81
N ARG A 98 8.15 -12.00 -2.57
CA ARG A 98 8.96 -10.93 -2.01
C ARG A 98 8.26 -10.23 -0.85
N VAL A 99 6.92 -10.35 -0.74
CA VAL A 99 6.22 -9.82 0.43
C VAL A 99 6.74 -10.47 1.71
N GLY A 100 6.89 -11.79 1.70
CA GLY A 100 7.41 -12.49 2.87
C GLY A 100 8.89 -12.29 3.08
N GLU A 101 9.61 -11.83 2.05
CA GLU A 101 11.01 -11.50 2.20
C GLU A 101 11.20 -10.17 2.93
N GLY A 102 10.17 -9.34 3.01
CA GLY A 102 10.28 -8.08 3.71
C GLY A 102 10.37 -6.83 2.84
N LEU A 103 10.14 -6.95 1.53
CA LEU A 103 10.23 -5.79 0.64
C LEU A 103 8.91 -5.02 0.67
N THR A 104 8.93 -3.79 1.19
CA THR A 104 7.70 -3.01 1.26
C THR A 104 7.22 -2.58 -0.13
N THR A 105 8.13 -2.44 -1.10
CA THR A 105 7.71 -2.21 -2.49
C THR A 105 6.81 -3.35 -2.97
N ALA A 106 7.08 -4.58 -2.52
CA ALA A 106 6.24 -5.71 -2.95
C ALA A 106 4.88 -5.70 -2.25
N TRP A 107 4.84 -5.21 -1.00
CA TRP A 107 3.56 -4.98 -0.33
C TRP A 107 2.71 -4.01 -1.14
N PHE A 108 3.33 -2.92 -1.57
CA PHE A 108 2.64 -1.94 -2.39
C PHE A 108 2.20 -2.56 -3.72
N ALA A 109 3.09 -3.27 -4.41
CA ALA A 109 2.73 -3.82 -5.71
C ALA A 109 1.62 -4.86 -5.62
N ALA A 110 1.62 -5.66 -4.55
CA ALA A 110 0.59 -6.69 -4.42
C ALA A 110 -0.78 -6.07 -4.15
N LEU A 111 -0.81 -5.00 -3.34
CA LEU A 111 -2.06 -4.29 -3.08
C LEU A 111 -2.69 -3.80 -4.38
N PHE A 112 -1.95 -3.03 -5.18
CA PHE A 112 -2.51 -2.52 -6.43
C PHE A 112 -2.76 -3.64 -7.43
N TYR A 113 -1.94 -4.71 -7.39
CA TYR A 113 -2.17 -5.88 -8.24
C TYR A 113 -3.51 -6.51 -7.92
N GLY A 114 -3.75 -6.81 -6.63
CA GLY A 114 -5.01 -7.40 -6.23
C GLY A 114 -6.19 -6.50 -6.54
N LEU A 115 -6.06 -5.21 -6.20
CA LEU A 115 -7.19 -4.29 -6.43
C LEU A 115 -7.46 -4.13 -7.92
N GLY A 116 -6.41 -3.96 -8.72
CA GLY A 116 -6.61 -3.84 -10.17
C GLY A 116 -7.19 -5.09 -10.80
N ALA A 117 -6.76 -6.27 -10.33
CA ALA A 117 -7.35 -7.51 -10.86
C ALA A 117 -8.80 -7.63 -10.45
N TYR A 118 -9.11 -7.33 -9.18
CA TYR A 118 -10.49 -7.34 -8.71
C TYR A 118 -11.33 -6.38 -9.53
N ALA A 119 -10.82 -5.17 -9.75
CA ALA A 119 -11.53 -4.13 -10.48
C ALA A 119 -11.77 -4.54 -11.94
N THR A 120 -10.81 -5.24 -12.54
CA THR A 120 -11.01 -5.68 -13.92
C THR A 120 -12.02 -6.81 -14.00
N LYS A 121 -12.11 -7.64 -12.96
CA LYS A 121 -13.01 -8.79 -12.97
C LYS A 121 -14.46 -8.37 -12.73
N SER A 122 -14.72 -7.46 -11.78
CA SER A 122 -16.10 -7.16 -11.43
C SER A 122 -16.34 -5.71 -11.05
N GLY A 123 -15.36 -4.82 -11.23
CA GLY A 123 -15.57 -3.43 -10.91
C GLY A 123 -15.38 -2.46 -12.05
N ALA A 124 -14.66 -1.38 -11.76
CA ALA A 124 -14.56 -0.22 -12.64
C ALA A 124 -13.91 -0.53 -13.99
N PHE A 125 -13.30 -1.71 -14.17
CA PHE A 125 -12.80 -2.13 -15.48
C PHE A 125 -13.54 -3.34 -16.04
N SER A 126 -14.62 -3.77 -15.38
CA SER A 126 -15.46 -4.83 -15.91
C SER A 126 -15.84 -4.61 -17.37
N TRP A 127 -16.09 -3.35 -17.76
CA TRP A 127 -16.54 -3.08 -19.12
C TRP A 127 -15.49 -3.57 -20.13
N TRP A 128 -14.21 -3.36 -19.80
CA TRP A 128 -13.15 -3.84 -20.67
C TRP A 128 -13.16 -5.36 -20.78
N LEU A 129 -13.25 -6.05 -19.64
CA LEU A 129 -13.28 -7.51 -19.68
C LEU A 129 -14.49 -8.02 -20.46
N SER A 130 -15.63 -7.34 -20.33
CA SER A 130 -16.79 -7.74 -21.12
C SER A 130 -16.52 -7.59 -22.61
N TRP A 131 -15.92 -6.47 -22.99
CA TRP A 131 -15.62 -6.27 -24.41
C TRP A 131 -14.65 -7.34 -24.91
N VAL A 132 -13.65 -7.70 -24.11
CA VAL A 132 -12.70 -8.70 -24.55
C VAL A 132 -13.35 -10.07 -24.62
N GLY A 133 -14.39 -10.30 -23.81
CA GLY A 133 -15.00 -11.62 -23.73
C GLY A 133 -15.68 -12.06 -25.03
N GLN A 134 -16.08 -11.12 -25.89
CA GLN A 134 -16.74 -11.48 -27.12
C GLN A 134 -15.84 -12.24 -28.09
N PHE A 135 -14.52 -12.10 -27.99
CA PHE A 135 -13.60 -12.70 -28.93
C PHE A 135 -13.15 -14.09 -28.50
N LYS A 136 -13.81 -14.70 -27.52
CA LYS A 136 -13.45 -16.02 -27.06
C LYS A 136 -13.65 -17.06 -28.16
N SER A 137 -12.69 -17.95 -28.29
CA SER A 137 -12.80 -19.00 -29.29
C SER A 137 -13.73 -20.10 -28.79
N PRO A 138 -14.67 -20.57 -29.62
CA PRO A 138 -15.52 -21.69 -29.22
C PRO A 138 -14.80 -23.03 -29.21
N LEU A 139 -13.58 -23.11 -29.73
CA LEU A 139 -12.83 -24.36 -29.74
C LEU A 139 -12.69 -24.93 -28.34
N SER A 140 -13.01 -26.21 -28.19
CA SER A 140 -12.93 -26.91 -26.92
C SER A 140 -12.61 -28.39 -27.14
N VAL A 141 -12.26 -29.07 -26.06
CA VAL A 141 -11.97 -30.50 -26.08
C VAL A 141 -13.06 -31.24 -25.31
N GLU A 142 -13.13 -32.53 -25.51
CA GLU A 142 -14.13 -33.32 -24.82
C GLU A 142 -13.52 -33.98 -23.58
N GLU A 143 -14.38 -34.32 -22.62
CA GLU A 143 -13.96 -35.05 -21.43
C GLU A 143 -13.22 -36.34 -21.78
N SER A 144 -12.05 -36.52 -21.19
CA SER A 144 -11.29 -37.76 -21.28
C SER A 144 -10.49 -37.92 -20.02
N ALA A 145 -9.59 -38.90 -20.00
CA ALA A 145 -8.68 -39.03 -18.88
C ALA A 145 -7.70 -37.86 -18.83
N TYR A 146 -7.40 -37.29 -20.00
CA TYR A 146 -6.47 -36.18 -20.12
C TYR A 146 -7.12 -34.82 -19.85
N TYR A 147 -8.39 -34.64 -20.20
CA TYR A 147 -8.96 -33.30 -20.25
C TYR A 147 -10.27 -33.18 -19.51
N VAL A 148 -10.44 -32.06 -18.80
CA VAL A 148 -11.75 -31.67 -18.30
C VAL A 148 -12.65 -31.29 -19.47
N LYS A 149 -13.92 -31.69 -19.40
CA LYS A 149 -14.87 -31.38 -20.45
C LYS A 149 -14.97 -29.88 -20.68
N GLY A 150 -14.90 -29.47 -21.95
CA GLY A 150 -15.05 -28.08 -22.31
C GLY A 150 -13.81 -27.23 -22.17
N ALA A 151 -12.65 -27.83 -21.91
CA ALA A 151 -11.42 -27.10 -21.78
C ALA A 151 -10.98 -26.55 -23.14
N GLY A 152 -9.96 -25.67 -23.14
CA GLY A 152 -9.46 -25.04 -24.34
C GLY A 152 -8.57 -25.94 -25.20
N PRO A 153 -8.31 -25.50 -26.42
CA PRO A 153 -7.54 -26.33 -27.36
C PRO A 153 -6.08 -26.46 -26.98
N THR A 154 -5.51 -27.62 -27.34
CA THR A 154 -4.11 -27.92 -27.10
C THR A 154 -3.40 -28.24 -28.40
N ILE A 155 -2.07 -28.29 -28.32
CA ILE A 155 -1.26 -28.78 -29.43
C ILE A 155 -1.71 -30.18 -29.85
N SER A 156 -1.99 -31.06 -28.88
CA SER A 156 -2.49 -32.40 -29.17
C SER A 156 -3.84 -32.34 -29.88
N SER A 157 -4.78 -31.57 -29.32
CA SER A 157 -6.15 -31.67 -29.79
C SER A 157 -6.28 -31.15 -31.20
N VAL A 158 -5.53 -30.09 -31.52
CA VAL A 158 -5.53 -29.57 -32.88
C VAL A 158 -4.91 -30.58 -33.82
N LEU A 159 -3.91 -31.31 -33.35
CA LEU A 159 -3.19 -32.29 -34.16
C LEU A 159 -3.87 -33.66 -34.19
N GLY A 160 -4.88 -33.89 -33.35
CA GLY A 160 -5.47 -35.21 -33.27
C GLY A 160 -4.56 -36.28 -32.71
N LEU A 161 -3.66 -35.93 -31.81
CA LEU A 161 -2.72 -36.87 -31.20
C LEU A 161 -3.08 -37.13 -29.74
N ASN A 162 -2.72 -38.31 -29.25
CA ASN A 162 -2.78 -38.57 -27.82
C ASN A 162 -1.83 -37.61 -27.10
N PRO A 163 -2.28 -36.95 -26.02
CA PRO A 163 -1.45 -35.90 -25.41
C PRO A 163 -0.04 -36.35 -25.05
N TRP A 164 0.18 -37.66 -24.94
CA TRP A 164 1.51 -38.15 -24.61
C TRP A 164 2.54 -37.78 -25.67
N ILE A 165 2.14 -37.69 -26.93
CA ILE A 165 3.13 -37.64 -28.00
C ILE A 165 3.77 -36.25 -28.08
N PRO A 166 3.01 -35.16 -28.23
CA PRO A 166 3.67 -33.83 -28.21
C PRO A 166 4.35 -33.53 -26.88
N ALA A 167 3.74 -33.97 -25.77
CA ALA A 167 4.38 -33.84 -24.44
C ALA A 167 5.78 -34.43 -24.42
N LEU A 168 5.96 -35.65 -24.96
CA LEU A 168 7.29 -36.26 -24.90
C LEU A 168 8.24 -35.62 -25.90
N VAL A 169 7.77 -35.35 -27.13
CA VAL A 169 8.63 -34.75 -28.13
C VAL A 169 9.11 -33.38 -27.67
N ILE A 170 8.17 -32.52 -27.26
CA ILE A 170 8.51 -31.15 -26.88
C ILE A 170 9.42 -31.14 -25.66
N ALA A 171 9.09 -31.96 -24.65
CA ALA A 171 9.90 -32.00 -23.43
C ALA A 171 11.33 -32.43 -23.73
N ALA A 172 11.49 -33.50 -24.52
CA ALA A 172 12.81 -33.98 -24.91
C ALA A 172 13.61 -32.89 -25.62
N LEU A 173 12.98 -32.19 -26.56
CA LEU A 173 13.61 -31.01 -27.14
C LEU A 173 13.99 -29.99 -26.07
N PHE A 174 13.05 -29.66 -25.16
CA PHE A 174 13.35 -28.72 -24.10
C PHE A 174 14.57 -29.16 -23.29
N ILE A 175 14.62 -30.45 -22.94
CA ILE A 175 15.69 -30.96 -22.08
C ILE A 175 17.02 -31.02 -22.84
N LEU A 176 17.00 -31.51 -24.08
CA LEU A 176 18.17 -31.44 -24.94
C LEU A 176 18.81 -30.06 -24.90
N TRP A 177 18.02 -29.03 -25.14
CA TRP A 177 18.54 -27.67 -25.16
C TRP A 177 19.01 -27.22 -23.77
N ALA A 178 18.19 -27.44 -22.74
CA ALA A 178 18.59 -27.03 -21.40
C ALA A 178 19.95 -27.61 -21.02
N PHE A 179 20.19 -28.88 -21.39
CA PHE A 179 21.40 -29.58 -21.01
C PHE A 179 22.51 -29.56 -22.08
N GLY A 180 22.18 -29.45 -23.36
CA GLY A 180 23.21 -29.42 -24.36
C GLY A 180 23.66 -28.02 -24.71
N THR A 181 23.46 -27.07 -23.79
CA THR A 181 23.70 -25.66 -24.06
C THR A 181 24.32 -25.03 -22.83
N LYS A 182 25.16 -24.03 -23.04
CA LYS A 182 25.80 -23.36 -21.93
C LYS A 182 24.79 -22.50 -21.17
N THR A 183 24.98 -22.42 -19.86
CA THR A 183 24.10 -21.66 -18.98
C THR A 183 24.94 -20.66 -18.21
N THR A 184 24.39 -19.46 -18.03
CA THR A 184 25.03 -18.47 -17.17
C THR A 184 25.22 -19.04 -15.76
N SER A 185 26.39 -18.78 -15.18
CA SER A 185 26.69 -19.30 -13.85
C SER A 185 26.06 -18.44 -12.77
N ARG A 186 25.74 -19.08 -11.65
CA ARG A 186 25.26 -18.39 -10.47
C ARG A 186 25.81 -19.12 -9.24
N GLU A 187 25.77 -18.43 -8.11
CA GLU A 187 26.23 -18.98 -6.85
C GLU A 187 25.08 -19.54 -6.00
N THR A 188 23.91 -19.73 -6.59
CA THR A 188 22.76 -20.25 -5.85
C THR A 188 22.97 -21.72 -5.53
N LYS A 189 22.95 -22.05 -4.22
CA LYS A 189 23.11 -23.44 -3.79
C LYS A 189 21.94 -24.30 -4.24
N PHE A 190 20.73 -23.75 -4.18
CA PHE A 190 19.53 -24.32 -4.78
C PHE A 190 19.56 -24.02 -6.29
N ASN A 191 20.34 -24.84 -7.03
CA ASN A 191 20.67 -24.57 -8.42
C ASN A 191 19.49 -24.89 -9.34
N TRP A 192 19.64 -24.52 -10.62
CA TRP A 192 18.48 -24.56 -11.50
C TRP A 192 18.02 -25.98 -11.79
N LYS A 193 18.93 -26.95 -11.77
CA LYS A 193 18.53 -28.33 -12.00
C LYS A 193 17.65 -28.86 -10.86
N ILE A 194 18.12 -28.75 -9.62
CA ILE A 194 17.33 -29.34 -8.55
C ILE A 194 16.10 -28.47 -8.22
N ALA A 195 16.18 -27.15 -8.45
CA ALA A 195 14.99 -26.31 -8.28
C ALA A 195 13.89 -26.67 -9.29
N SER A 196 14.27 -27.01 -10.52
CA SER A 196 13.29 -27.42 -11.52
C SER A 196 12.55 -28.66 -11.07
N VAL A 197 13.29 -29.65 -10.56
CA VAL A 197 12.67 -30.89 -10.13
C VAL A 197 11.74 -30.63 -8.94
N CYS A 198 12.19 -29.83 -7.97
CA CYS A 198 11.31 -29.52 -6.85
C CYS A 198 10.10 -28.74 -7.31
N LEU A 199 10.30 -27.76 -8.20
CA LEU A 199 9.20 -26.90 -8.62
C LEU A 199 8.14 -27.70 -9.34
N ALA A 200 8.54 -28.66 -10.18
CA ALA A 200 7.56 -29.45 -10.90
C ALA A 200 6.82 -30.39 -9.96
N LEU A 201 7.53 -31.03 -9.01
CA LEU A 201 6.86 -31.85 -8.00
C LEU A 201 5.79 -31.03 -7.26
N VAL A 202 6.17 -29.86 -6.73
CA VAL A 202 5.19 -28.96 -6.10
C VAL A 202 4.05 -28.66 -7.07
N ALA A 203 4.37 -28.47 -8.35
CA ALA A 203 3.33 -28.22 -9.36
C ALA A 203 2.35 -29.38 -9.45
N GLY A 204 2.87 -30.60 -9.57
CA GLY A 204 2.00 -31.76 -9.61
C GLY A 204 1.17 -31.89 -8.35
N LEU A 205 1.81 -31.72 -7.19
CA LEU A 205 1.08 -31.79 -5.93
C LEU A 205 -0.07 -30.79 -5.91
N GLY A 206 0.14 -29.62 -6.54
CA GLY A 206 -0.88 -28.59 -6.50
C GLY A 206 -2.07 -28.90 -7.39
N PHE A 207 -1.80 -29.40 -8.60
CA PHE A 207 -2.86 -29.85 -9.48
C PHE A 207 -3.69 -30.96 -8.81
N ILE A 208 -3.02 -31.89 -8.13
CA ILE A 208 -3.74 -32.98 -7.47
C ILE A 208 -4.62 -32.42 -6.36
N THR A 209 -4.00 -31.79 -5.34
CA THR A 209 -4.76 -31.33 -4.17
C THR A 209 -5.82 -30.29 -4.56
N SER A 210 -5.46 -29.31 -5.39
CA SER A 210 -6.45 -28.30 -5.77
C SER A 210 -7.67 -28.94 -6.42
N THR A 211 -7.44 -29.93 -7.29
CA THR A 211 -8.54 -30.65 -7.93
C THR A 211 -9.45 -31.30 -6.90
N LEU A 212 -8.86 -31.96 -5.90
CA LEU A 212 -9.68 -32.58 -4.86
C LEU A 212 -10.52 -31.54 -4.14
N SER A 213 -10.02 -30.31 -4.00
CA SER A 213 -10.78 -29.24 -3.37
C SER A 213 -11.79 -28.59 -4.31
N GLY A 214 -11.92 -29.06 -5.55
CA GLY A 214 -12.94 -28.55 -6.45
C GLY A 214 -12.48 -27.51 -7.47
N ARG A 215 -11.25 -27.04 -7.39
CA ARG A 215 -10.68 -26.16 -8.40
C ARG A 215 -9.82 -27.04 -9.32
N LYS A 216 -10.33 -27.31 -10.53
CA LYS A 216 -9.61 -28.18 -11.47
C LYS A 216 -8.53 -27.39 -12.20
N TYR A 217 -7.41 -27.16 -11.51
CA TYR A 217 -6.27 -26.47 -12.07
C TYR A 217 -5.10 -26.62 -11.11
N GLY A 218 -3.89 -26.35 -11.61
CA GLY A 218 -2.71 -26.30 -10.76
C GLY A 218 -2.44 -24.95 -10.10
N LEU A 219 -1.16 -24.58 -10.01
CA LEU A 219 -0.76 -23.34 -9.37
C LEU A 219 -1.19 -22.13 -10.19
N GLY A 220 -1.64 -21.09 -9.49
CA GLY A 220 -1.95 -19.81 -10.10
C GLY A 220 -1.71 -18.72 -9.06
N ILE A 221 -1.74 -17.46 -9.50
CA ILE A 221 -1.50 -16.32 -8.62
C ILE A 221 -2.70 -15.37 -8.60
N THR A 222 -3.17 -14.96 -9.77
CA THR A 222 -4.18 -13.91 -9.87
C THR A 222 -5.48 -14.27 -9.14
N GLY A 223 -6.00 -15.47 -9.37
CA GLY A 223 -7.23 -15.89 -8.72
C GLY A 223 -7.10 -16.06 -7.21
N GLY A 224 -5.90 -16.41 -6.73
CA GLY A 224 -5.71 -16.48 -5.30
C GLY A 224 -5.85 -15.12 -4.65
N TRP A 225 -5.26 -14.09 -5.27
CA TRP A 225 -5.35 -12.75 -4.70
C TRP A 225 -6.77 -12.22 -4.75
N ILE A 226 -7.53 -12.56 -5.79
CA ILE A 226 -8.92 -12.13 -5.82
C ILE A 226 -9.74 -12.89 -4.78
N ASN A 227 -9.42 -14.17 -4.56
CA ASN A 227 -10.16 -14.90 -3.55
C ASN A 227 -9.91 -14.29 -2.16
N LEU A 228 -8.68 -13.83 -1.91
CA LEU A 228 -8.37 -13.22 -0.62
C LEU A 228 -9.10 -11.89 -0.46
N PHE A 229 -9.05 -11.03 -1.48
CA PHE A 229 -9.74 -9.75 -1.42
C PHE A 229 -11.25 -9.93 -1.28
N GLN A 230 -11.83 -10.89 -2.00
CA GLN A 230 -13.26 -11.14 -1.87
C GLN A 230 -13.60 -11.57 -0.45
N GLY A 231 -12.75 -12.40 0.15
CA GLY A 231 -13.02 -12.86 1.50
C GLY A 231 -13.03 -11.73 2.51
N PHE A 232 -11.99 -10.90 2.49
CA PHE A 232 -11.88 -9.79 3.43
C PHE A 232 -12.99 -8.77 3.24
N LEU A 233 -13.33 -8.46 1.97
CA LEU A 233 -14.23 -7.35 1.70
C LEU A 233 -15.71 -7.75 1.57
N THR A 234 -16.01 -9.03 1.36
CA THR A 234 -17.38 -9.47 1.17
C THR A 234 -17.77 -10.61 2.07
N ASN A 235 -16.83 -11.15 2.85
CA ASN A 235 -16.98 -12.31 3.73
C ASN A 235 -17.24 -13.61 2.98
N SER A 236 -16.85 -13.69 1.71
CA SER A 236 -16.94 -14.96 1.02
C SER A 236 -15.86 -15.91 1.58
N PRO A 237 -16.09 -17.21 1.48
CA PRO A 237 -15.09 -18.16 2.01
C PRO A 237 -13.84 -18.17 1.17
N LEU A 238 -12.73 -18.53 1.80
CA LEU A 238 -11.48 -18.70 1.06
C LEU A 238 -11.49 -20.03 0.31
N ASN A 239 -10.74 -20.08 -0.78
CA ASN A 239 -10.64 -21.32 -1.54
C ASN A 239 -9.19 -21.78 -1.55
N TRP A 240 -8.93 -22.82 -2.35
CA TRP A 240 -7.62 -23.44 -2.37
C TRP A 240 -6.56 -22.45 -2.80
N GLU A 241 -6.87 -21.63 -3.81
CA GLU A 241 -5.88 -20.72 -4.36
C GLU A 241 -5.64 -19.55 -3.43
N GLY A 242 -6.68 -19.05 -2.77
CA GLY A 242 -6.48 -18.02 -1.77
C GLY A 242 -5.53 -18.46 -0.69
N LEU A 243 -5.70 -19.70 -0.22
CA LEU A 243 -4.82 -20.27 0.79
C LEU A 243 -3.43 -20.54 0.23
N GLU A 244 -3.33 -20.81 -1.06
CA GLU A 244 -2.01 -20.97 -1.66
C GLU A 244 -1.22 -19.66 -1.60
N ILE A 245 -1.86 -18.52 -1.87
CA ILE A 245 -1.17 -17.24 -1.77
C ILE A 245 -0.64 -17.04 -0.36
N VAL A 246 -1.51 -17.20 0.63
CA VAL A 246 -1.06 -17.13 2.02
C VAL A 246 0.14 -18.04 2.23
N GLY A 247 0.06 -19.27 1.70
CA GLY A 247 1.18 -20.20 1.84
C GLY A 247 2.45 -19.69 1.21
N ILE A 248 2.35 -19.10 0.01
CA ILE A 248 3.54 -18.60 -0.68
C ILE A 248 4.25 -17.59 0.20
N ILE A 249 3.49 -16.60 0.70
CA ILE A 249 4.07 -15.58 1.54
C ILE A 249 4.71 -16.21 2.76
N LEU A 250 3.97 -17.07 3.45
CA LEU A 250 4.50 -17.66 4.68
C LEU A 250 5.74 -18.49 4.38
N GLY A 251 5.70 -19.26 3.29
CA GLY A 251 6.85 -20.09 2.94
C GLY A 251 8.08 -19.28 2.58
N ALA A 252 7.89 -18.25 1.74
CA ALA A 252 9.02 -17.38 1.39
C ALA A 252 9.59 -16.68 2.62
N GLY A 253 8.72 -16.25 3.54
CA GLY A 253 9.22 -15.59 4.74
C GLY A 253 10.00 -16.52 5.64
N VAL A 254 9.46 -17.72 5.88
CA VAL A 254 10.19 -18.72 6.67
C VAL A 254 11.53 -18.99 6.04
N ALA A 255 11.55 -19.21 4.73
CA ALA A 255 12.78 -19.55 4.03
C ALA A 255 13.78 -18.40 4.06
N ALA A 256 13.31 -17.17 3.86
CA ALA A 256 14.21 -16.02 3.98
C ALA A 256 14.75 -15.87 5.40
N ALA A 257 13.88 -16.00 6.40
CA ALA A 257 14.34 -15.86 7.79
C ALA A 257 15.40 -16.90 8.15
N VAL A 258 15.11 -18.18 7.89
CA VAL A 258 16.06 -19.23 8.23
C VAL A 258 17.40 -19.02 7.52
N ALA A 259 17.39 -18.49 6.31
CA ALA A 259 18.60 -18.17 5.58
C ALA A 259 19.20 -16.83 5.99
N GLY A 260 18.74 -16.24 7.09
CA GLY A 260 19.16 -14.91 7.50
C GLY A 260 19.03 -13.84 6.44
N GLU A 261 18.09 -14.01 5.50
CA GLU A 261 17.89 -13.08 4.39
C GLU A 261 16.66 -12.19 4.56
N PHE A 262 15.88 -12.38 5.63
CA PHE A 262 14.71 -11.53 5.85
C PHE A 262 15.16 -10.20 6.42
N LYS A 263 14.54 -9.13 5.93
CA LYS A 263 14.82 -7.76 6.37
C LYS A 263 13.76 -6.83 5.79
N LEU A 264 13.14 -6.02 6.63
CA LEU A 264 12.24 -5.00 6.13
C LEU A 264 13.06 -4.01 5.29
N ARG A 265 12.64 -3.81 4.04
CA ARG A 265 13.42 -3.08 3.07
C ARG A 265 12.59 -1.97 2.41
N MET A 266 13.29 -0.93 1.98
CA MET A 266 12.79 0.27 1.33
C MET A 266 13.62 0.50 0.07
N PRO A 267 13.03 1.05 -0.99
CA PRO A 267 13.84 1.36 -2.18
C PRO A 267 14.72 2.57 -1.93
N LYS A 268 15.65 2.80 -2.86
CA LYS A 268 16.57 3.93 -2.71
C LYS A 268 15.83 5.27 -2.88
N ASN A 269 14.91 5.37 -3.83
CA ASN A 269 14.17 6.60 -4.07
C ASN A 269 12.68 6.37 -3.87
N PRO A 270 11.99 7.30 -3.21
CA PRO A 270 10.56 7.12 -2.93
C PRO A 270 9.70 6.93 -4.18
N VAL A 271 10.10 7.45 -5.33
CA VAL A 271 9.26 7.34 -6.52
C VAL A 271 9.04 5.90 -6.96
N THR A 272 9.91 4.97 -6.52
CA THR A 272 9.73 3.55 -6.85
C THR A 272 8.38 3.04 -6.39
N TYR A 273 7.89 3.52 -5.24
CA TYR A 273 6.56 3.13 -4.77
C TYR A 273 5.49 3.52 -5.78
N LEU A 274 5.66 4.66 -6.45
CA LEU A 274 4.73 5.06 -7.49
C LEU A 274 4.83 4.13 -8.69
N GLN A 275 6.06 3.85 -9.12
CA GLN A 275 6.34 2.89 -10.18
C GLN A 275 5.72 1.53 -9.91
N VAL A 276 6.09 0.89 -8.78
CA VAL A 276 5.61 -0.47 -8.58
C VAL A 276 4.11 -0.45 -8.33
N GLY A 277 3.59 0.69 -7.89
CA GLY A 277 2.16 0.81 -7.72
C GLY A 277 1.44 0.77 -9.06
N ILE A 278 1.83 1.66 -9.97
CA ILE A 278 1.30 1.60 -11.32
C ILE A 278 1.56 0.23 -11.93
N GLY A 279 2.77 -0.31 -11.72
CA GLY A 279 3.09 -1.63 -12.25
C GLY A 279 2.13 -2.70 -11.79
N GLY A 280 1.80 -2.72 -10.50
CA GLY A 280 0.90 -3.73 -10.00
C GLY A 280 -0.48 -3.64 -10.60
N LEU A 281 -0.95 -2.41 -10.84
CA LEU A 281 -2.24 -2.20 -11.49
C LEU A 281 -2.23 -2.73 -12.92
N LEU A 282 -1.18 -2.44 -13.67
CA LEU A 282 -1.06 -3.00 -15.02
C LEU A 282 -1.10 -4.51 -14.96
N MET A 283 -0.49 -5.09 -13.94
CA MET A 283 -0.45 -6.54 -13.85
C MET A 283 -1.84 -7.10 -13.62
N GLY A 284 -2.62 -6.43 -12.76
CA GLY A 284 -3.96 -6.89 -12.46
C GLY A 284 -4.85 -6.80 -13.68
N ILE A 285 -4.71 -5.73 -14.47
CA ILE A 285 -5.49 -5.62 -15.68
C ILE A 285 -5.01 -6.62 -16.70
N GLY A 286 -3.68 -6.78 -16.82
CA GLY A 286 -3.17 -7.70 -17.82
C GLY A 286 -3.56 -9.14 -17.54
N ALA A 287 -3.36 -9.57 -16.29
CA ALA A 287 -3.60 -10.97 -15.96
C ALA A 287 -5.07 -11.32 -16.16
N VAL A 288 -5.98 -10.45 -15.73
CA VAL A 288 -7.39 -10.78 -15.85
C VAL A 288 -7.82 -10.78 -17.31
N THR A 289 -7.40 -9.75 -18.06
CA THR A 289 -7.62 -9.74 -19.50
C THR A 289 -7.04 -10.99 -20.14
N ALA A 290 -5.78 -11.31 -19.81
CA ALA A 290 -5.13 -12.45 -20.45
C ALA A 290 -5.70 -13.79 -20.01
N GLY A 291 -6.40 -13.84 -18.87
CA GLY A 291 -6.86 -15.11 -18.37
C GLY A 291 -5.84 -15.87 -17.54
N GLY A 292 -4.76 -15.24 -17.14
CA GLY A 292 -3.76 -15.91 -16.35
C GLY A 292 -2.50 -15.10 -16.36
N CYS A 293 -1.58 -15.51 -15.50
CA CYS A 293 -0.37 -14.74 -15.28
C CYS A 293 0.86 -15.59 -15.54
N ASN A 294 2.00 -15.10 -15.04
CA ASN A 294 3.26 -15.80 -15.17
C ASN A 294 3.15 -17.24 -14.65
N ILE A 295 2.28 -17.50 -13.68
CA ILE A 295 2.12 -18.84 -13.16
C ILE A 295 0.93 -19.53 -13.82
N GLY A 296 -0.25 -18.92 -13.73
CA GLY A 296 -1.45 -19.55 -14.27
C GLY A 296 -1.35 -19.93 -15.73
N HIS A 297 -0.71 -19.08 -16.55
CA HIS A 297 -0.52 -19.36 -17.97
C HIS A 297 0.83 -19.99 -18.26
N PHE A 298 1.92 -19.38 -17.81
CA PHE A 298 3.24 -19.82 -18.28
C PHE A 298 3.69 -21.09 -17.56
N LEU A 299 3.85 -21.05 -16.25
CA LEU A 299 4.37 -22.23 -15.54
C LEU A 299 3.40 -23.40 -15.59
N THR A 300 2.09 -23.12 -15.55
CA THR A 300 1.11 -24.18 -15.41
C THR A 300 0.42 -24.53 -16.72
N GLY A 301 0.24 -23.56 -17.62
CA GLY A 301 -0.55 -23.77 -18.82
C GLY A 301 0.29 -24.27 -19.98
N VAL A 302 1.50 -23.71 -20.14
CA VAL A 302 2.40 -24.16 -21.20
C VAL A 302 2.60 -25.67 -21.16
N PRO A 303 2.91 -26.31 -20.03
CA PRO A 303 3.15 -27.76 -20.05
C PRO A 303 1.90 -28.57 -20.33
N GLN A 304 0.72 -27.96 -20.27
CA GLN A 304 -0.51 -28.60 -20.73
C GLN A 304 -0.70 -28.43 -22.22
N LEU A 305 0.21 -27.74 -22.89
CA LEU A 305 0.15 -27.48 -24.33
C LEU A 305 -1.06 -26.64 -24.71
N ALA A 306 -1.57 -25.85 -23.77
CA ALA A 306 -2.71 -24.99 -24.05
C ALA A 306 -2.30 -23.86 -24.99
N LEU A 307 -3.01 -23.74 -26.12
CA LEU A 307 -2.69 -22.69 -27.10
C LEU A 307 -2.80 -21.32 -26.48
N SER A 308 -3.85 -21.08 -25.69
CA SER A 308 -4.01 -19.83 -24.96
C SER A 308 -2.77 -19.49 -24.14
N SER A 309 -2.19 -20.49 -23.48
CA SER A 309 -1.05 -20.25 -22.61
C SER A 309 0.23 -20.00 -23.41
N TRP A 310 0.45 -20.75 -24.49
CA TRP A 310 1.60 -20.44 -25.33
C TRP A 310 1.50 -19.05 -25.90
N LEU A 311 0.32 -18.68 -26.41
CA LEU A 311 0.13 -17.35 -26.99
C LEU A 311 0.37 -16.26 -25.95
N ALA A 312 -0.31 -16.33 -24.80
CA ALA A 312 -0.16 -15.29 -23.79
C ALA A 312 1.28 -15.17 -23.31
N SER A 313 2.02 -16.28 -23.30
CA SER A 313 3.41 -16.23 -22.85
C SER A 313 4.30 -15.48 -23.85
N ILE A 314 4.07 -15.69 -25.15
CA ILE A 314 4.77 -14.90 -26.14
C ILE A 314 4.63 -13.41 -25.82
N PHE A 315 3.43 -12.98 -25.49
CA PHE A 315 3.29 -11.55 -25.28
C PHE A 315 3.63 -11.10 -23.85
N PHE A 316 3.61 -11.99 -22.85
CA PHE A 316 4.28 -11.70 -21.58
C PHE A 316 5.71 -11.25 -21.85
N ILE A 317 6.40 -12.00 -22.71
CA ILE A 317 7.81 -11.74 -22.96
C ILE A 317 8.00 -10.46 -23.76
N LEU A 318 7.16 -10.25 -24.77
CA LEU A 318 7.33 -9.06 -25.60
C LEU A 318 7.04 -7.80 -24.80
N GLY A 319 6.07 -7.87 -23.89
CA GLY A 319 5.78 -6.74 -23.03
C GLY A 319 6.90 -6.48 -22.04
N ASN A 320 7.42 -7.54 -21.44
CA ASN A 320 8.59 -7.41 -20.60
C ASN A 320 9.72 -6.71 -21.36
N TRP A 321 9.99 -7.13 -22.61
CA TRP A 321 11.04 -6.49 -23.42
C TRP A 321 10.74 -5.03 -23.70
N THR A 322 9.51 -4.70 -24.09
CA THR A 322 9.16 -3.31 -24.31
C THR A 322 9.47 -2.47 -23.07
N MET A 323 8.85 -2.83 -21.93
CA MET A 323 9.01 -2.03 -20.72
C MET A 323 10.47 -1.97 -20.27
N ALA A 324 11.21 -3.07 -20.44
CA ALA A 324 12.61 -3.08 -20.03
C ALA A 324 13.45 -2.06 -20.80
N TRP A 325 13.14 -1.81 -22.08
CA TRP A 325 13.85 -0.76 -22.81
C TRP A 325 13.44 0.63 -22.32
N ILE A 326 12.14 0.83 -22.10
CA ILE A 326 11.66 2.12 -21.59
C ILE A 326 12.40 2.49 -20.30
N LEU A 327 12.52 1.55 -19.36
CA LEU A 327 13.07 1.84 -18.05
C LEU A 327 14.60 1.81 -18.07
N PHE A 328 15.19 0.79 -18.67
CA PHE A 328 16.65 0.63 -18.66
C PHE A 328 17.28 1.05 -19.99
N ARG A 329 18.38 0.41 -20.36
CA ARG A 329 19.10 0.82 -21.55
C ARG A 329 19.94 -0.33 -22.12
N TYR A 374 40.06 -3.70 4.57
CA TYR A 374 40.16 -4.11 3.17
C TYR A 374 40.55 -2.95 2.28
N GLN A 375 41.21 -1.93 2.87
CA GLN A 375 41.64 -0.73 2.17
C GLN A 375 40.45 0.01 1.55
N VAL A 376 39.85 -0.56 0.51
CA VAL A 376 38.65 -0.02 -0.15
C VAL A 376 38.97 1.30 -0.83
N SER A 377 39.20 1.25 -2.15
CA SER A 377 39.43 2.45 -2.93
C SER A 377 38.14 3.20 -3.20
N LYS A 378 37.14 2.50 -3.75
CA LYS A 378 35.83 3.09 -4.04
C LYS A 378 34.73 2.25 -3.41
N GLU A 379 33.65 2.92 -3.02
CA GLU A 379 32.50 2.26 -2.42
C GLU A 379 31.24 2.67 -3.18
N ILE A 380 30.50 1.67 -3.68
CA ILE A 380 29.20 1.88 -4.29
C ILE A 380 28.14 1.27 -3.38
N ASP A 381 27.04 1.99 -3.17
CA ASP A 381 25.98 1.57 -2.27
C ASP A 381 24.70 1.42 -3.11
N VAL A 382 24.34 0.17 -3.40
CA VAL A 382 23.16 -0.12 -4.21
C VAL A 382 22.12 -0.83 -3.36
N ARG A 383 22.18 -0.59 -2.04
CA ARG A 383 21.15 -1.12 -1.15
C ARG A 383 19.81 -0.48 -1.48
N GLY A 384 18.80 -1.30 -1.75
CA GLY A 384 17.49 -0.81 -2.09
C GLY A 384 17.30 -0.42 -3.54
N GLU A 385 18.13 -0.96 -4.42
CA GLU A 385 18.02 -0.61 -5.86
C GLU A 385 17.63 -1.87 -6.61
N VAL A 386 16.96 -1.71 -7.75
CA VAL A 386 16.07 -2.78 -8.29
C VAL A 386 16.94 -3.81 -9.03
N CYS A 387 16.57 -5.10 -8.94
CA CYS A 387 17.54 -6.23 -8.93
C CYS A 387 18.50 -6.15 -10.13
N PRO A 388 18.08 -5.75 -11.35
CA PRO A 388 19.02 -5.39 -12.41
C PRO A 388 20.16 -4.49 -11.91
N ILE A 389 19.82 -3.47 -11.12
CA ILE A 389 20.70 -2.30 -10.87
C ILE A 389 21.99 -2.76 -10.17
N PRO A 390 21.97 -3.50 -9.02
CA PRO A 390 23.23 -3.81 -8.33
C PRO A 390 24.27 -4.45 -9.24
N ASP A 391 23.85 -5.37 -10.11
CA ASP A 391 24.79 -5.96 -11.06
C ASP A 391 25.31 -4.93 -12.07
N VAL A 392 24.44 -3.99 -12.49
CA VAL A 392 24.84 -3.00 -13.48
C VAL A 392 25.75 -1.95 -12.85
N GLU A 393 25.40 -1.46 -11.65
CA GLU A 393 26.23 -0.47 -10.99
C GLU A 393 27.55 -1.05 -10.48
N ALA A 394 27.61 -2.37 -10.25
CA ALA A 394 28.87 -3.01 -9.86
C ALA A 394 29.74 -3.33 -11.07
N LYS A 395 29.12 -3.62 -12.22
CA LYS A 395 29.89 -3.81 -13.45
C LYS A 395 30.53 -2.50 -13.90
N ARG A 396 29.76 -1.41 -13.88
CA ARG A 396 30.28 -0.11 -14.27
C ARG A 396 31.32 0.41 -13.29
N ALA A 397 31.27 -0.03 -12.02
CA ALA A 397 32.26 0.39 -11.04
C ALA A 397 33.59 -0.34 -11.19
N VAL A 398 33.55 -1.61 -11.62
CA VAL A 398 34.79 -2.36 -11.85
C VAL A 398 35.48 -1.88 -13.13
N GLN A 399 34.70 -1.59 -14.17
CA GLN A 399 35.27 -1.10 -15.42
C GLN A 399 35.91 0.27 -15.23
N SER A 400 35.18 1.22 -14.63
CA SER A 400 35.71 2.54 -14.32
C SER A 400 36.55 2.50 -13.04
N ALA A 401 37.59 1.68 -13.08
CA ALA A 401 38.48 1.50 -11.93
C ALA A 401 39.86 1.11 -12.41
N ASN A 402 40.86 1.47 -11.61
CA ASN A 402 42.25 1.20 -11.92
C ASN A 402 42.66 -0.15 -11.34
N ASP A 403 43.74 -0.69 -11.87
CA ASP A 403 44.19 -2.03 -11.49
C ASP A 403 44.57 -2.06 -10.01
N GLY A 404 44.43 -3.25 -9.40
CA GLY A 404 44.78 -3.44 -8.02
C GLY A 404 43.88 -2.77 -7.01
N GLU A 405 42.87 -2.03 -7.45
CA GLU A 405 41.94 -1.35 -6.54
C GLU A 405 40.96 -2.35 -5.93
N ILE A 406 40.62 -2.10 -4.68
CA ILE A 406 39.64 -2.91 -3.94
C ILE A 406 38.33 -2.14 -3.88
N ILE A 407 37.28 -2.70 -4.49
CA ILE A 407 35.97 -2.05 -4.57
C ILE A 407 35.03 -2.69 -3.56
N LEU A 408 34.23 -1.85 -2.90
CA LEU A 408 33.19 -2.29 -1.98
C LEU A 408 31.82 -2.06 -2.62
N VAL A 409 31.02 -3.12 -2.67
CA VAL A 409 29.64 -3.05 -3.14
C VAL A 409 28.72 -3.44 -2.01
N ARG A 410 27.77 -2.57 -1.69
CA ARG A 410 26.84 -2.76 -0.59
C ARG A 410 25.47 -3.13 -1.16
N ILE A 411 24.99 -4.34 -0.84
CA ILE A 411 23.70 -4.80 -1.33
C ILE A 411 22.81 -5.21 -0.17
N ASP A 412 21.51 -5.23 -0.42
CA ASP A 412 20.55 -5.79 0.51
C ASP A 412 19.45 -6.57 -0.21
N TYR A 413 19.80 -7.28 -1.28
CA TYR A 413 18.92 -8.26 -1.91
C TYR A 413 19.76 -9.50 -2.23
N PRO A 414 19.39 -10.69 -1.73
CA PRO A 414 20.29 -11.85 -1.86
C PRO A 414 20.45 -12.39 -3.28
N ALA A 415 19.54 -12.09 -4.21
CA ALA A 415 19.76 -12.52 -5.58
C ALA A 415 21.05 -11.91 -6.13
N SER A 416 21.34 -10.66 -5.77
CA SER A 416 22.50 -9.98 -6.35
C SER A 416 23.82 -10.54 -5.82
N LYS A 417 23.85 -11.03 -4.59
CA LYS A 417 25.12 -11.57 -4.09
C LYS A 417 25.50 -12.89 -4.76
N GLU A 418 24.60 -13.50 -5.54
CA GLU A 418 24.95 -14.69 -6.32
C GLU A 418 25.13 -14.39 -7.80
N ARG A 419 24.85 -13.16 -8.23
CA ARG A 419 25.03 -12.76 -9.61
C ARG A 419 26.28 -11.91 -9.82
N ILE A 420 26.55 -10.96 -8.91
CA ILE A 420 27.72 -10.09 -9.06
C ILE A 420 29.03 -10.89 -9.08
N PRO A 421 29.23 -11.93 -8.25
CA PRO A 421 30.48 -12.72 -8.38
C PRO A 421 30.80 -13.19 -9.79
N GLU A 422 29.79 -13.67 -10.55
CA GLU A 422 30.07 -14.16 -11.89
C GLU A 422 30.34 -13.01 -12.86
N THR A 423 29.58 -11.92 -12.75
CA THR A 423 29.87 -10.72 -13.53
C THR A 423 31.27 -10.18 -13.23
N VAL A 424 31.81 -10.48 -12.05
CA VAL A 424 33.13 -10.00 -11.67
C VAL A 424 34.23 -10.85 -12.29
N LYS A 425 34.05 -12.18 -12.29
CA LYS A 425 35.08 -13.05 -12.85
C LYS A 425 35.20 -12.91 -14.36
N LYS A 426 34.11 -12.53 -15.03
CA LYS A 426 34.14 -12.29 -16.48
C LYS A 426 34.59 -10.88 -16.83
N LEU A 427 35.22 -10.17 -15.88
CA LEU A 427 35.78 -8.84 -16.11
C LEU A 427 37.25 -8.78 -15.75
N GLY A 428 37.86 -9.91 -15.38
CA GLY A 428 39.23 -9.95 -14.93
C GLY A 428 39.41 -9.88 -13.42
N SER A 429 38.43 -9.31 -12.71
CA SER A 429 38.53 -9.11 -11.28
C SER A 429 38.11 -10.38 -10.52
N GLU A 430 38.27 -10.33 -9.20
CA GLU A 430 37.91 -11.45 -8.34
C GLU A 430 37.31 -10.92 -7.05
N VAL A 431 36.27 -11.59 -6.57
CA VAL A 431 35.59 -11.19 -5.34
C VAL A 431 36.39 -11.71 -4.15
N LEU A 432 36.81 -10.80 -3.27
CA LEU A 432 37.59 -11.19 -2.10
C LEU A 432 36.73 -11.97 -1.11
N GLU A 433 35.57 -11.44 -0.76
CA GLU A 433 34.73 -11.99 0.28
C GLU A 433 33.38 -11.28 0.23
N ILE A 434 32.31 -12.02 0.49
CA ILE A 434 30.99 -11.44 0.70
C ILE A 434 30.70 -11.55 2.20
N GLU A 435 30.67 -10.42 2.87
CA GLU A 435 30.51 -10.35 4.31
C GLU A 435 29.12 -9.80 4.63
N GLU A 436 28.46 -10.42 5.61
CA GLU A 436 27.12 -10.00 6.01
C GLU A 436 27.23 -8.89 7.07
N ALA A 437 26.75 -7.70 6.72
CA ALA A 437 26.69 -6.60 7.68
C ALA A 437 25.51 -6.80 8.61
N ALA A 438 24.38 -6.17 8.30
CA ALA A 438 23.12 -6.44 8.98
C ALA A 438 22.55 -7.75 8.44
N PRO A 439 21.51 -8.29 9.08
CA PRO A 439 20.78 -9.39 8.44
C PRO A 439 20.10 -8.89 7.17
N GLY A 440 20.24 -9.66 6.10
CA GLY A 440 19.75 -9.23 4.81
C GLY A 440 20.62 -8.22 4.09
N GLU A 441 21.81 -7.94 4.60
CA GLU A 441 22.73 -6.97 4.02
C GLU A 441 24.11 -7.59 3.87
N TRP A 442 24.74 -7.38 2.71
CA TRP A 442 26.03 -7.99 2.42
C TRP A 442 26.95 -6.99 1.76
N ASN A 443 28.22 -7.07 2.12
CA ASN A 443 29.28 -6.22 1.57
C ASN A 443 30.14 -7.07 0.63
N ILE A 444 30.23 -6.66 -0.63
CA ILE A 444 30.99 -7.37 -1.65
C ILE A 444 32.30 -6.62 -1.89
N TYR A 445 33.42 -7.33 -1.80
CA TYR A 445 34.74 -6.74 -1.99
C TYR A 445 35.38 -7.32 -3.25
N ILE A 446 35.77 -6.45 -4.17
CA ILE A 446 36.28 -6.83 -5.48
C ILE A 446 37.67 -6.23 -5.67
N LYS A 447 38.63 -7.06 -6.07
CA LYS A 447 39.97 -6.62 -6.47
C LYS A 447 40.03 -6.53 -7.98
N VAL A 448 40.15 -5.31 -8.51
CA VAL A 448 40.24 -5.11 -9.95
C VAL A 448 41.56 -5.67 -10.47
N LYS A 449 41.53 -6.23 -11.67
CA LYS A 449 42.71 -6.81 -12.31
C LYS A 449 42.66 -6.45 -13.80
N LYS A 450 43.41 -5.43 -14.19
CA LYS A 450 43.52 -4.98 -15.58
C LYS A 450 42.15 -4.74 -16.22
N MET B 1 -24.91 17.45 -9.09
CA MET B 1 -24.74 17.79 -7.67
C MET B 1 -23.58 17.08 -6.99
N ILE B 2 -23.43 15.78 -7.27
CA ILE B 2 -22.38 14.97 -6.66
C ILE B 2 -21.00 15.58 -6.91
N TRP B 3 -20.82 16.25 -8.05
N TRP B 3 -20.81 16.25 -8.04
CA TRP B 3 -19.53 16.83 -8.42
CA TRP B 3 -19.50 16.78 -8.37
C TRP B 3 -19.12 17.97 -7.50
C TRP B 3 -19.13 18.01 -7.54
N THR B 4 -20.07 18.57 -6.77
CA THR B 4 -19.71 19.61 -5.80
C THR B 4 -18.83 19.06 -4.67
N GLY B 5 -18.85 17.73 -4.47
CA GLY B 5 -17.96 17.12 -3.49
C GLY B 5 -16.49 17.32 -3.82
N LEU B 6 -16.14 17.22 -5.11
CA LEU B 6 -14.77 17.49 -5.53
C LEU B 6 -14.37 18.92 -5.20
N LEU B 7 -15.28 19.87 -5.44
CA LEU B 7 -15.00 21.25 -5.11
C LEU B 7 -14.81 21.44 -3.59
N VAL B 8 -15.83 21.06 -2.81
CA VAL B 8 -15.73 21.23 -1.36
C VAL B 8 -14.51 20.50 -0.81
N GLY B 9 -14.21 19.30 -1.37
CA GLY B 9 -13.08 18.53 -0.90
C GLY B 9 -11.76 19.20 -1.23
N PHE B 10 -11.68 19.75 -2.44
CA PHE B 10 -10.52 20.54 -2.85
C PHE B 10 -10.29 21.72 -1.90
N LEU B 11 -11.35 22.44 -1.52
CA LEU B 11 -11.18 23.53 -0.55
C LEU B 11 -10.80 22.97 0.82
N PHE B 12 -11.57 21.98 1.31
CA PHE B 12 -11.21 21.28 2.55
C PHE B 12 -9.74 20.90 2.57
N GLY B 13 -9.23 20.36 1.47
CA GLY B 13 -7.86 19.88 1.45
C GLY B 13 -6.83 21.00 1.57
N ILE B 14 -7.08 22.12 0.88
CA ILE B 14 -6.19 23.28 0.97
C ILE B 14 -6.09 23.74 2.41
N VAL B 15 -7.25 23.90 3.08
CA VAL B 15 -7.27 24.41 4.47
C VAL B 15 -6.49 23.48 5.40
N LEU B 16 -6.67 22.16 5.26
CA LEU B 16 -5.93 21.22 6.09
C LEU B 16 -4.44 21.35 5.90
N GLN B 17 -3.98 21.33 4.64
CA GLN B 17 -2.55 21.37 4.35
C GLN B 17 -1.94 22.69 4.83
N ARG B 18 -2.57 23.81 4.53
CA ARG B 18 -1.97 25.10 4.88
C ARG B 18 -1.95 25.29 6.38
N GLY B 19 -3.04 24.91 7.06
CA GLY B 19 -3.13 25.06 8.49
C GLY B 19 -2.39 24.01 9.29
N ARG B 20 -1.92 22.95 8.62
CA ARG B 20 -1.33 21.80 9.29
C ARG B 20 -2.31 21.20 10.31
N ILE B 21 -3.60 21.16 9.93
CA ILE B 21 -4.69 20.79 10.82
C ILE B 21 -4.78 19.28 10.91
N ALA B 22 -4.14 18.71 11.91
CA ALA B 22 -4.03 17.27 12.12
C ALA B 22 -4.51 17.01 13.54
N PHE B 23 -5.74 16.49 13.67
CA PHE B 23 -6.35 16.40 14.99
C PHE B 23 -5.67 15.36 15.86
N ASN B 24 -5.08 14.33 15.23
CA ASN B 24 -4.28 13.36 15.97
C ASN B 24 -3.13 14.05 16.69
N SER B 25 -2.48 15.01 16.01
CA SER B 25 -1.50 15.86 16.68
C SER B 25 -2.16 16.74 17.75
N ALA B 26 -3.37 17.24 17.47
CA ALA B 26 -4.09 18.10 18.42
C ALA B 26 -4.31 17.39 19.76
N PHE B 27 -4.77 16.14 19.71
CA PHE B 27 -5.03 15.38 20.93
C PHE B 27 -3.73 14.96 21.61
N ARG B 28 -2.74 14.52 20.81
CA ARG B 28 -1.52 13.97 21.37
C ARG B 28 -0.69 15.04 22.07
N ASP B 29 -0.44 16.16 21.39
CA ASP B 29 0.50 17.14 21.92
C ASP B 29 -0.09 17.92 23.10
N VAL B 30 -1.41 17.90 23.29
CA VAL B 30 -1.98 18.54 24.48
C VAL B 30 -1.74 17.72 25.74
N LEU B 31 -1.34 16.45 25.60
CA LEU B 31 -0.94 15.56 26.68
C LEU B 31 0.56 15.38 26.79
N LEU B 32 1.24 15.23 25.66
CA LEU B 32 2.68 14.99 25.63
C LEU B 32 3.48 16.25 25.94
N PHE B 33 3.04 17.40 25.43
CA PHE B 33 3.86 18.60 25.37
C PHE B 33 3.11 19.85 25.84
N LYS B 34 1.91 19.69 26.38
CA LYS B 34 1.09 20.84 26.80
C LYS B 34 0.96 21.85 25.67
N ASP B 35 0.90 21.35 24.43
CA ASP B 35 0.71 22.18 23.24
C ASP B 35 -0.78 22.25 22.92
N ASN B 36 -1.33 23.46 22.84
CA ASN B 36 -2.77 23.61 22.62
C ASN B 36 -3.09 24.42 21.37
N TYR B 37 -2.11 24.64 20.50
CA TYR B 37 -2.36 25.39 19.28
C TYR B 37 -3.48 24.75 18.46
N LEU B 38 -3.28 23.50 18.05
CA LEU B 38 -4.29 22.83 17.22
C LEU B 38 -5.58 22.58 17.98
N PHE B 39 -5.56 22.58 19.30
CA PHE B 39 -6.78 22.38 20.06
C PHE B 39 -7.63 23.66 20.12
N LYS B 40 -6.99 24.83 20.20
CA LYS B 40 -7.75 26.08 20.04
C LYS B 40 -8.39 26.15 18.67
N LEU B 41 -7.63 25.80 17.62
CA LEU B 41 -8.19 25.69 16.28
C LEU B 41 -9.45 24.83 16.28
N ALA B 42 -9.35 23.61 16.80
CA ALA B 42 -10.52 22.74 16.85
C ALA B 42 -11.66 23.36 17.66
N VAL B 43 -11.37 23.92 18.84
CA VAL B 43 -12.43 24.42 19.70
C VAL B 43 -13.12 25.64 19.08
N PHE B 44 -12.33 26.53 18.49
CA PHE B 44 -12.90 27.70 17.82
C PHE B 44 -13.77 27.28 16.63
N THR B 45 -13.28 26.33 15.81
CA THR B 45 -14.02 25.87 14.65
C THR B 45 -15.35 25.23 15.05
N LEU B 46 -15.31 24.36 16.05
CA LEU B 46 -16.52 23.79 16.63
C LEU B 46 -17.51 24.89 17.03
N ALA B 47 -17.02 25.93 17.71
CA ALA B 47 -17.90 27.02 18.10
C ALA B 47 -18.49 27.72 16.88
N LEU B 48 -17.65 28.06 15.90
CA LEU B 48 -18.17 28.70 14.69
C LEU B 48 -19.16 27.79 13.98
N GLU B 49 -18.89 26.48 13.96
CA GLU B 49 -19.80 25.55 13.33
C GLU B 49 -21.12 25.44 14.10
N MET B 50 -21.08 25.52 15.45
CA MET B 50 -22.35 25.42 16.16
C MET B 50 -23.28 26.54 15.73
N ILE B 51 -22.76 27.78 15.67
CA ILE B 51 -23.60 28.89 15.26
C ILE B 51 -24.02 28.71 13.81
N LEU B 52 -23.10 28.27 12.95
CA LEU B 52 -23.33 28.25 11.51
C LEU B 52 -24.36 27.18 11.13
N PHE B 53 -24.19 25.96 11.65
CA PHE B 53 -25.11 24.89 11.31
C PHE B 53 -26.55 25.24 11.71
N VAL B 54 -26.74 25.88 12.88
CA VAL B 54 -28.11 26.19 13.25
C VAL B 54 -28.65 27.34 12.41
N LEU B 55 -27.83 28.39 12.21
CA LEU B 55 -28.24 29.50 11.35
C LEU B 55 -28.61 29.02 9.94
N LEU B 56 -27.79 28.15 9.34
CA LEU B 56 -28.12 27.66 8.00
C LEU B 56 -29.40 26.82 8.01
N SER B 57 -29.66 26.10 9.09
CA SER B 57 -30.93 25.40 9.19
C SER B 57 -32.09 26.37 9.33
N GLN B 58 -31.88 27.47 10.06
CA GLN B 58 -32.94 28.44 10.29
C GLN B 58 -33.46 29.01 8.97
N VAL B 59 -32.54 29.38 8.06
CA VAL B 59 -32.93 29.99 6.79
C VAL B 59 -33.23 28.96 5.70
N GLY B 60 -33.10 27.67 5.98
CA GLY B 60 -33.53 26.65 5.05
C GLY B 60 -32.48 26.10 4.12
N LEU B 61 -31.20 26.43 4.32
CA LEU B 61 -30.18 25.87 3.45
C LEU B 61 -29.80 24.43 3.80
N MET B 62 -30.13 23.95 5.00
CA MET B 62 -29.86 22.58 5.38
C MET B 62 -30.75 22.22 6.55
N GLN B 63 -30.73 20.95 6.90
CA GLN B 63 -31.16 20.44 8.19
C GLN B 63 -30.01 19.69 8.84
N MET B 64 -29.90 19.80 10.15
CA MET B 64 -28.93 19.02 10.89
C MET B 64 -29.37 17.55 10.88
N ASN B 65 -28.39 16.63 10.93
CA ASN B 65 -28.66 15.20 10.92
C ASN B 65 -27.75 14.47 11.91
N PRO B 66 -27.92 14.73 13.22
CA PRO B 66 -27.08 14.05 14.23
C PRO B 66 -27.08 12.54 14.08
N LYS B 67 -25.89 11.95 14.21
CA LYS B 67 -25.74 10.51 14.09
C LYS B 67 -26.39 9.78 15.27
N PRO B 68 -26.84 8.54 15.07
CA PRO B 68 -27.56 7.84 16.14
C PRO B 68 -26.64 7.47 17.29
N LEU B 69 -27.24 7.38 18.49
CA LEU B 69 -26.47 6.99 19.67
C LEU B 69 -26.33 5.47 19.73
N ASN B 70 -25.11 5.02 20.07
CA ASN B 70 -24.80 3.59 20.29
C ASN B 70 -23.64 3.53 21.28
N LEU B 71 -23.95 3.26 22.55
CA LEU B 71 -22.92 3.34 23.58
C LEU B 71 -21.79 2.35 23.33
N VAL B 72 -22.12 1.11 22.98
CA VAL B 72 -21.09 0.11 22.72
C VAL B 72 -20.23 0.54 21.53
N GLY B 73 -20.87 0.95 20.44
CA GLY B 73 -20.12 1.36 19.27
C GLY B 73 -19.30 2.62 19.51
N ASN B 74 -19.96 3.70 19.96
CA ASN B 74 -19.30 5.00 20.06
C ASN B 74 -18.11 4.94 21.02
N ILE B 75 -18.22 4.15 22.08
CA ILE B 75 -17.14 4.06 23.06
C ILE B 75 -16.03 3.15 22.55
N ILE B 76 -16.37 1.92 22.19
CA ILE B 76 -15.32 0.96 21.83
C ILE B 76 -14.73 1.31 20.48
N GLY B 77 -15.59 1.61 19.50
CA GLY B 77 -15.10 2.07 18.21
C GLY B 77 -14.30 3.36 18.32
N GLY B 78 -14.83 4.35 19.04
CA GLY B 78 -14.06 5.57 19.25
C GLY B 78 -12.69 5.28 19.81
N PHE B 79 -12.62 4.46 20.85
CA PHE B 79 -11.34 4.13 21.48
C PHE B 79 -10.40 3.42 20.51
N VAL B 80 -10.91 2.43 19.78
CA VAL B 80 -10.07 1.73 18.81
C VAL B 80 -9.57 2.69 17.72
N PHE B 81 -10.45 3.55 17.22
CA PHE B 81 -10.03 4.60 16.27
C PHE B 81 -8.96 5.50 16.89
N GLY B 82 -9.09 5.79 18.18
CA GLY B 82 -8.05 6.53 18.88
C GLY B 82 -6.69 5.84 18.80
N LEU B 83 -6.64 4.55 19.13
CA LEU B 83 -5.37 3.82 19.02
C LEU B 83 -4.82 3.87 17.59
N GLY B 84 -5.70 3.75 16.59
CA GLY B 84 -5.22 3.66 15.22
C GLY B 84 -4.57 4.96 14.75
N MET B 85 -5.17 6.10 15.12
CA MET B 85 -4.62 7.44 14.87
C MET B 85 -3.12 7.53 15.06
N VAL B 86 -2.68 7.19 16.28
CA VAL B 86 -1.29 7.34 16.67
C VAL B 86 -0.43 6.37 15.90
N LEU B 87 -0.90 5.13 15.73
CA LEU B 87 -0.14 4.14 15.00
C LEU B 87 0.03 4.53 13.54
N ALA B 88 -1.08 4.96 12.90
CA ALA B 88 -0.99 5.42 11.52
C ALA B 88 -0.28 6.76 11.41
N GLY B 89 0.09 7.39 12.52
CA GLY B 89 0.81 8.64 12.41
C GLY B 89 -0.08 9.76 11.94
N GLY B 90 -1.37 9.65 12.17
CA GLY B 90 -2.28 10.67 11.74
C GLY B 90 -3.67 10.12 11.69
N CYS B 91 -4.65 10.99 11.95
CA CYS B 91 -6.05 10.63 11.88
C CYS B 91 -6.47 10.41 10.41
N ALA B 92 -7.76 10.15 10.20
CA ALA B 92 -8.20 9.77 8.85
C ALA B 92 -8.14 10.95 7.89
N SER B 93 -8.50 12.16 8.34
CA SER B 93 -8.33 13.31 7.48
C SER B 93 -6.85 13.64 7.30
N GLY B 94 -6.06 13.52 8.37
CA GLY B 94 -4.63 13.78 8.26
C GLY B 94 -3.94 12.83 7.30
N VAL B 95 -4.26 11.54 7.39
CA VAL B 95 -3.74 10.58 6.42
C VAL B 95 -4.20 10.96 5.01
N THR B 96 -5.44 11.43 4.87
CA THR B 96 -5.98 11.66 3.53
C THR B 96 -5.25 12.81 2.84
N TYR B 97 -5.08 13.93 3.52
CA TYR B 97 -4.40 15.01 2.84
C TYR B 97 -2.89 14.77 2.78
N ARG B 98 -2.34 14.00 3.71
CA ARG B 98 -0.94 13.65 3.58
C ARG B 98 -0.69 12.81 2.35
N VAL B 99 -1.72 12.14 1.82
CA VAL B 99 -1.56 11.40 0.56
C VAL B 99 -1.18 12.36 -0.57
N GLY B 100 -1.79 13.56 -0.59
CA GLY B 100 -1.47 14.57 -1.58
C GLY B 100 -0.18 15.31 -1.34
N GLU B 101 0.26 15.38 -0.08
CA GLU B 101 1.57 15.94 0.20
C GLU B 101 2.70 15.03 -0.26
N GLY B 102 2.41 13.78 -0.60
CA GLY B 102 3.40 12.87 -1.13
C GLY B 102 4.00 11.87 -0.15
N LEU B 103 3.34 11.62 0.99
CA LEU B 103 3.85 10.70 2.00
C LEU B 103 3.42 9.28 1.63
N THR B 104 4.39 8.44 1.24
CA THR B 104 4.08 7.05 0.91
C THR B 104 3.56 6.30 2.12
N THR B 105 3.95 6.68 3.33
CA THR B 105 3.34 6.10 4.53
C THR B 105 1.85 6.41 4.58
N ALA B 106 1.45 7.61 4.14
CA ALA B 106 0.03 7.92 4.11
C ALA B 106 -0.68 7.09 3.05
N TRP B 107 -0.04 6.91 1.88
CA TRP B 107 -0.57 6.00 0.86
C TRP B 107 -0.84 4.63 1.47
N PHE B 108 0.15 4.11 2.17
CA PHE B 108 0.01 2.80 2.81
C PHE B 108 -1.11 2.83 3.84
N ALA B 109 -1.12 3.85 4.71
CA ALA B 109 -2.10 3.86 5.79
C ALA B 109 -3.52 4.04 5.25
N ALA B 110 -3.67 4.81 4.17
CA ALA B 110 -4.97 4.96 3.54
C ALA B 110 -5.47 3.64 2.98
N LEU B 111 -4.58 2.86 2.36
CA LEU B 111 -4.98 1.59 1.76
C LEU B 111 -5.55 0.65 2.81
N PHE B 112 -4.85 0.49 3.93
CA PHE B 112 -5.35 -0.38 4.99
C PHE B 112 -6.53 0.24 5.71
N TYR B 113 -6.61 1.58 5.75
CA TYR B 113 -7.77 2.24 6.33
C TYR B 113 -9.02 1.94 5.54
N GLY B 114 -8.96 2.18 4.22
CA GLY B 114 -10.11 1.93 3.36
C GLY B 114 -10.52 0.47 3.36
N LEU B 115 -9.54 -0.44 3.32
CA LEU B 115 -9.88 -1.86 3.27
C LEU B 115 -10.45 -2.34 4.60
N GLY B 116 -9.85 -1.92 5.72
CA GLY B 116 -10.39 -2.29 7.02
C GLY B 116 -11.80 -1.78 7.25
N ALA B 117 -12.08 -0.53 6.83
CA ALA B 117 -13.43 0.01 6.98
C ALA B 117 -14.43 -0.74 6.10
N TYR B 118 -14.05 -1.04 4.85
CA TYR B 118 -14.89 -1.80 3.93
C TYR B 118 -15.16 -3.20 4.49
N ALA B 119 -14.11 -3.87 4.99
CA ALA B 119 -14.26 -5.19 5.58
C ALA B 119 -15.11 -5.17 6.85
N THR B 120 -15.09 -4.07 7.59
CA THR B 120 -15.94 -3.97 8.76
C THR B 120 -17.39 -3.67 8.39
N LYS B 121 -17.60 -2.90 7.31
CA LYS B 121 -18.97 -2.59 6.89
C LYS B 121 -19.69 -3.81 6.31
N SER B 122 -18.99 -4.62 5.51
CA SER B 122 -19.69 -5.68 4.79
C SER B 122 -18.82 -6.89 4.46
N GLY B 123 -17.60 -6.97 4.97
CA GLY B 123 -16.78 -8.14 4.72
C GLY B 123 -16.48 -8.97 5.94
N ALA B 124 -15.19 -9.30 6.12
CA ALA B 124 -14.81 -10.30 7.10
C ALA B 124 -14.95 -9.81 8.54
N PHE B 125 -15.15 -8.51 8.77
CA PHE B 125 -15.39 -8.01 10.12
C PHE B 125 -16.85 -7.58 10.34
N SER B 126 -17.74 -7.88 9.39
CA SER B 126 -19.14 -7.51 9.54
C SER B 126 -19.80 -8.19 10.72
N TRP B 127 -19.33 -9.38 11.10
CA TRP B 127 -19.94 -10.04 12.24
C TRP B 127 -19.86 -9.13 13.46
N TRP B 128 -18.70 -8.51 13.66
CA TRP B 128 -18.52 -7.59 14.78
C TRP B 128 -19.49 -6.41 14.69
N LEU B 129 -19.61 -5.81 13.50
CA LEU B 129 -20.50 -4.66 13.36
C LEU B 129 -21.95 -5.05 13.60
N SER B 130 -22.34 -6.25 13.18
CA SER B 130 -23.69 -6.75 13.50
C SER B 130 -23.89 -6.86 15.00
N TRP B 131 -22.95 -7.50 15.69
CA TRP B 131 -23.09 -7.62 17.13
C TRP B 131 -23.22 -6.25 17.79
N VAL B 132 -22.43 -5.26 17.34
CA VAL B 132 -22.50 -3.94 17.95
C VAL B 132 -23.84 -3.28 17.66
N GLY B 133 -24.39 -3.52 16.46
CA GLY B 133 -25.63 -2.86 16.06
C GLY B 133 -26.80 -3.12 16.99
N GLN B 134 -26.76 -4.20 17.77
CA GLN B 134 -27.89 -4.51 18.63
C GLN B 134 -28.06 -3.50 19.77
N PHE B 135 -27.03 -2.70 20.07
CA PHE B 135 -27.08 -1.77 21.19
C PHE B 135 -27.51 -0.39 20.79
N LYS B 136 -27.98 -0.21 19.55
CA LYS B 136 -28.37 1.11 19.07
C LYS B 136 -29.52 1.68 19.91
N SER B 137 -29.38 2.91 20.30
CA SER B 137 -30.42 3.54 21.10
C SER B 137 -31.59 3.92 20.23
N PRO B 138 -32.83 3.61 20.64
CA PRO B 138 -34.01 4.04 19.86
C PRO B 138 -34.30 5.54 19.96
N LEU B 139 -33.59 6.28 20.82
CA LEU B 139 -33.82 7.71 20.96
C LEU B 139 -33.60 8.41 19.62
N SER B 140 -34.48 9.38 19.32
CA SER B 140 -34.44 10.05 18.02
C SER B 140 -35.29 11.32 18.09
N VAL B 141 -35.04 12.22 17.15
CA VAL B 141 -35.75 13.48 17.05
C VAL B 141 -36.72 13.43 15.87
N GLU B 142 -37.64 14.38 15.86
CA GLU B 142 -38.63 14.47 14.79
C GLU B 142 -38.21 15.49 13.73
N GLU B 143 -38.77 15.33 12.53
CA GLU B 143 -38.53 16.27 11.46
C GLU B 143 -38.92 17.68 11.89
N SER B 144 -38.03 18.63 11.64
CA SER B 144 -38.29 20.05 11.87
C SER B 144 -37.36 20.85 10.96
N ALA B 145 -37.33 22.16 11.15
CA ALA B 145 -36.35 22.96 10.42
C ALA B 145 -34.93 22.60 10.83
N TYR B 146 -34.76 22.18 12.08
CA TYR B 146 -33.43 21.88 12.58
C TYR B 146 -32.98 20.46 12.23
N TYR B 147 -33.89 19.49 12.21
CA TYR B 147 -33.44 18.10 12.24
C TYR B 147 -34.10 17.26 11.14
N VAL B 148 -33.29 16.40 10.53
CA VAL B 148 -33.82 15.33 9.69
C VAL B 148 -34.60 14.34 10.54
N LYS B 149 -35.72 13.85 9.99
CA LYS B 149 -36.57 12.93 10.72
C LYS B 149 -35.81 11.66 11.10
N GLY B 150 -35.92 11.26 12.36
CA GLY B 150 -35.28 10.05 12.83
C GLY B 150 -33.82 10.18 13.20
N ALA B 151 -33.24 11.38 13.13
CA ALA B 151 -31.87 11.58 13.54
C ALA B 151 -31.73 11.31 15.05
N GLY B 152 -30.48 11.32 15.52
CA GLY B 152 -30.18 10.93 16.88
C GLY B 152 -30.34 12.06 17.88
N PRO B 153 -30.30 11.70 19.15
CA PRO B 153 -30.54 12.70 20.21
C PRO B 153 -29.43 13.75 20.29
N THR B 154 -29.83 14.97 20.64
CA THR B 154 -28.91 16.06 20.83
C THR B 154 -29.01 16.57 22.26
N ILE B 155 -28.08 17.45 22.61
CA ILE B 155 -28.18 18.21 23.86
C ILE B 155 -29.50 18.99 23.92
N SER B 156 -29.85 19.66 22.82
CA SER B 156 -31.12 20.39 22.75
C SER B 156 -32.31 19.47 22.93
N SER B 157 -32.31 18.33 22.23
CA SER B 157 -33.51 17.48 22.22
C SER B 157 -33.74 16.87 23.58
N VAL B 158 -32.67 16.54 24.29
CA VAL B 158 -32.79 15.93 25.60
C VAL B 158 -33.24 16.96 26.61
N LEU B 159 -32.83 18.22 26.43
CA LEU B 159 -33.23 19.33 27.28
C LEU B 159 -34.57 19.93 26.88
N GLY B 160 -35.11 19.57 25.72
CA GLY B 160 -36.33 20.22 25.26
C GLY B 160 -36.18 21.70 24.98
N LEU B 161 -35.04 22.11 24.41
CA LEU B 161 -34.76 23.50 24.09
C LEU B 161 -34.61 23.67 22.58
N ASN B 162 -34.91 24.88 22.11
CA ASN B 162 -34.65 25.21 20.71
C ASN B 162 -33.15 25.11 20.42
N PRO B 163 -32.74 24.35 19.39
CA PRO B 163 -31.31 24.12 19.14
C PRO B 163 -30.43 25.37 19.22
N TRP B 164 -31.02 26.55 19.03
CA TRP B 164 -30.25 27.78 19.12
C TRP B 164 -29.67 27.98 20.51
N ILE B 165 -30.39 27.58 21.55
CA ILE B 165 -30.02 27.98 22.91
C ILE B 165 -28.75 27.26 23.37
N PRO B 166 -28.68 25.93 23.37
CA PRO B 166 -27.38 25.31 23.70
C PRO B 166 -26.27 25.65 22.72
N ALA B 167 -26.61 25.88 21.44
CA ALA B 167 -25.63 26.28 20.44
C ALA B 167 -24.88 27.55 20.83
N LEU B 168 -25.63 28.63 21.15
CA LEU B 168 -24.98 29.91 21.47
C LEU B 168 -24.27 29.86 22.83
N VAL B 169 -24.85 29.16 23.82
CA VAL B 169 -24.22 29.09 25.14
C VAL B 169 -22.87 28.39 25.06
N ILE B 170 -22.85 27.18 24.48
CA ILE B 170 -21.64 26.37 24.43
C ILE B 170 -20.59 27.04 23.55
N ALA B 171 -21.00 27.57 22.40
CA ALA B 171 -20.06 28.24 21.50
C ALA B 171 -19.42 29.46 22.17
N ALA B 172 -20.23 30.28 22.84
CA ALA B 172 -19.71 31.43 23.58
C ALA B 172 -18.69 31.01 24.63
N LEU B 173 -18.98 29.94 25.39
CA LEU B 173 -18.00 29.38 26.30
C LEU B 173 -16.75 28.93 25.56
N PHE B 174 -16.92 28.25 24.43
CA PHE B 174 -15.75 27.83 23.66
C PHE B 174 -14.91 29.04 23.24
N ILE B 175 -15.57 30.10 22.78
CA ILE B 175 -14.84 31.25 22.26
C ILE B 175 -14.18 32.04 23.39
N LEU B 176 -14.84 32.14 24.54
CA LEU B 176 -14.19 32.73 25.72
C LEU B 176 -12.87 32.03 26.01
N TRP B 177 -12.91 30.71 26.16
CA TRP B 177 -11.71 29.95 26.49
C TRP B 177 -10.66 30.05 25.39
N ALA B 178 -11.05 29.93 24.12
CA ALA B 178 -10.09 30.06 23.03
C ALA B 178 -9.33 31.37 23.10
N PHE B 179 -10.06 32.49 23.23
CA PHE B 179 -9.46 33.82 23.19
C PHE B 179 -9.00 34.35 24.56
N GLY B 180 -9.57 33.87 25.65
CA GLY B 180 -9.14 34.32 26.95
C GLY B 180 -8.02 33.51 27.56
N THR B 181 -7.47 32.57 26.80
CA THR B 181 -6.47 31.65 27.32
C THR B 181 -5.26 31.73 26.41
N LYS B 182 -4.08 31.59 27.00
CA LYS B 182 -2.85 31.57 26.21
C LYS B 182 -2.87 30.37 25.26
N THR B 183 -2.24 30.54 24.11
CA THR B 183 -2.13 29.48 23.12
C THR B 183 -0.65 29.28 22.78
N THR B 184 -0.27 28.03 22.57
CA THR B 184 1.08 27.72 22.12
C THR B 184 1.37 28.44 20.82
N SER B 185 2.59 28.95 20.68
CA SER B 185 2.95 29.76 19.53
C SER B 185 3.41 28.88 18.38
N ARG B 186 3.08 29.31 17.16
CA ARG B 186 3.53 28.64 15.94
C ARG B 186 3.82 29.67 14.87
N GLU B 187 4.64 29.27 13.91
CA GLU B 187 5.02 30.11 12.78
C GLU B 187 4.11 29.94 11.57
N THR B 188 2.99 29.23 11.71
CA THR B 188 2.09 29.00 10.58
C THR B 188 1.42 30.29 10.14
N LYS B 189 1.63 30.69 8.88
CA LYS B 189 1.05 31.95 8.41
C LYS B 189 -0.47 31.87 8.35
N PHE B 190 -1.00 30.71 7.93
CA PHE B 190 -2.43 30.39 8.01
C PHE B 190 -2.74 29.96 9.44
N ASN B 191 -2.83 30.97 10.33
CA ASN B 191 -2.84 30.79 11.78
C ASN B 191 -4.18 30.23 12.24
N TRP B 192 -4.27 29.89 13.53
CA TRP B 192 -5.43 29.10 13.96
C TRP B 192 -6.73 29.89 13.89
N LYS B 193 -6.67 31.21 14.02
CA LYS B 193 -7.89 32.01 13.93
C LYS B 193 -8.44 32.05 12.51
N ILE B 194 -7.63 32.50 11.55
CA ILE B 194 -8.14 32.59 10.20
C ILE B 194 -8.44 31.18 9.64
N ALA B 195 -7.70 30.16 10.10
CA ALA B 195 -7.96 28.80 9.64
C ALA B 195 -9.30 28.26 10.15
N SER B 196 -9.68 28.58 11.40
CA SER B 196 -10.97 28.13 11.94
C SER B 196 -12.14 28.71 11.15
N VAL B 197 -12.05 29.98 10.78
CA VAL B 197 -13.12 30.64 10.03
C VAL B 197 -13.27 29.99 8.66
N CYS B 198 -12.14 29.74 7.98
CA CYS B 198 -12.22 29.09 6.67
C CYS B 198 -12.72 27.66 6.80
N LEU B 199 -12.22 26.93 7.81
CA LEU B 199 -12.64 25.55 7.97
C LEU B 199 -14.13 25.47 8.24
N ALA B 200 -14.66 26.37 9.06
CA ALA B 200 -16.10 26.35 9.33
C ALA B 200 -16.92 26.76 8.11
N LEU B 201 -16.41 27.71 7.30
CA LEU B 201 -17.10 28.08 6.06
C LEU B 201 -17.14 26.90 5.08
N VAL B 202 -16.01 26.21 4.91
CA VAL B 202 -15.95 25.02 4.06
C VAL B 202 -16.90 23.94 4.60
N ALA B 203 -16.92 23.79 5.93
CA ALA B 203 -17.83 22.85 6.58
C ALA B 203 -19.29 23.15 6.23
N GLY B 204 -19.73 24.39 6.45
CA GLY B 204 -21.08 24.75 6.05
C GLY B 204 -21.36 24.51 4.58
N LEU B 205 -20.44 24.97 3.72
CA LEU B 205 -20.61 24.74 2.29
C LEU B 205 -20.79 23.25 1.98
N GLY B 206 -20.06 22.39 2.69
CA GLY B 206 -20.19 20.96 2.46
C GLY B 206 -21.53 20.42 2.88
N PHE B 207 -21.98 20.85 4.07
CA PHE B 207 -23.32 20.46 4.52
C PHE B 207 -24.40 20.89 3.53
N ILE B 208 -24.29 22.10 2.97
CA ILE B 208 -25.30 22.56 2.01
C ILE B 208 -25.23 21.71 0.74
N THR B 209 -24.06 21.67 0.08
CA THR B 209 -23.96 21.01 -1.22
C THR B 209 -24.23 19.51 -1.11
N SER B 210 -23.63 18.85 -0.11
CA SER B 210 -23.85 17.42 0.05
C SER B 210 -25.33 17.09 0.22
N THR B 211 -26.05 17.91 0.98
CA THR B 211 -27.48 17.68 1.15
C THR B 211 -28.22 17.76 -0.18
N LEU B 212 -27.80 18.67 -1.05
CA LEU B 212 -28.44 18.79 -2.35
C LEU B 212 -28.19 17.56 -3.21
N SER B 213 -27.04 16.92 -3.03
CA SER B 213 -26.75 15.68 -3.73
C SER B 213 -27.45 14.48 -3.11
N GLY B 214 -28.19 14.67 -2.02
CA GLY B 214 -28.92 13.59 -1.40
C GLY B 214 -28.24 12.92 -0.22
N ARG B 215 -27.03 13.33 0.15
CA ARG B 215 -26.41 12.92 1.41
C ARG B 215 -26.61 14.02 2.44
N LYS B 216 -27.60 13.86 3.31
CA LYS B 216 -27.88 14.87 4.34
C LYS B 216 -26.83 14.78 5.46
N TYR B 217 -25.67 15.34 5.18
CA TYR B 217 -24.60 15.42 6.18
C TYR B 217 -23.54 16.38 5.66
N GLY B 218 -22.67 16.83 6.57
CA GLY B 218 -21.51 17.60 6.20
C GLY B 218 -20.30 16.73 5.86
N LEU B 219 -19.11 17.27 6.17
CA LEU B 219 -17.86 16.59 5.87
C LEU B 219 -17.74 15.30 6.66
N GLY B 220 -17.25 14.26 5.99
CA GLY B 220 -16.86 13.00 6.61
C GLY B 220 -15.67 12.47 5.86
N ILE B 221 -15.14 11.35 6.35
CA ILE B 221 -13.98 10.71 5.72
C ILE B 221 -14.25 9.24 5.38
N THR B 222 -14.68 8.46 6.36
CA THR B 222 -14.77 7.01 6.22
C THR B 222 -15.72 6.60 5.10
N GLY B 223 -16.88 7.27 5.01
CA GLY B 223 -17.82 6.97 3.93
C GLY B 223 -17.25 7.24 2.55
N GLY B 224 -16.48 8.33 2.40
CA GLY B 224 -15.92 8.63 1.09
C GLY B 224 -14.92 7.57 0.65
N TRP B 225 -14.10 7.09 1.58
CA TRP B 225 -13.13 6.08 1.22
C TRP B 225 -13.83 4.78 0.86
N ILE B 226 -14.93 4.47 1.54
CA ILE B 226 -15.66 3.26 1.17
C ILE B 226 -16.37 3.45 -0.17
N ASN B 227 -16.94 4.63 -0.40
CA ASN B 227 -17.59 4.89 -1.69
C ASN B 227 -16.58 4.72 -2.82
N LEU B 228 -15.35 5.17 -2.60
CA LEU B 228 -14.31 5.04 -3.62
C LEU B 228 -13.99 3.56 -3.90
N PHE B 229 -13.75 2.79 -2.85
CA PHE B 229 -13.42 1.38 -3.01
C PHE B 229 -14.56 0.61 -3.66
N GLN B 230 -15.80 0.89 -3.25
CA GLN B 230 -16.96 0.21 -3.84
C GLN B 230 -17.05 0.49 -5.33
N GLY B 231 -16.80 1.74 -5.73
CA GLY B 231 -16.86 2.09 -7.14
C GLY B 231 -15.81 1.36 -7.95
N PHE B 232 -14.56 1.38 -7.47
CA PHE B 232 -13.47 0.73 -8.17
C PHE B 232 -13.66 -0.78 -8.24
N LEU B 233 -14.18 -1.40 -7.17
CA LEU B 233 -14.20 -2.84 -7.07
C LEU B 233 -15.53 -3.47 -7.47
N THR B 234 -16.61 -2.70 -7.56
CA THR B 234 -17.92 -3.24 -7.86
C THR B 234 -18.63 -2.48 -8.95
N ASN B 235 -18.02 -1.41 -9.48
CA ASN B 235 -18.56 -0.54 -10.52
C ASN B 235 -19.74 0.30 -10.05
N SER B 236 -19.93 0.47 -8.74
CA SER B 236 -20.99 1.34 -8.29
C SER B 236 -20.65 2.80 -8.58
N PRO B 237 -21.65 3.67 -8.68
CA PRO B 237 -21.37 5.09 -8.95
C PRO B 237 -20.74 5.76 -7.74
N LEU B 238 -19.96 6.79 -8.01
CA LEU B 238 -19.41 7.61 -6.94
C LEU B 238 -20.48 8.55 -6.38
N ASN B 239 -20.36 8.86 -5.10
CA ASN B 239 -21.30 9.81 -4.50
C ASN B 239 -20.54 11.08 -4.13
N TRP B 240 -21.23 11.95 -3.39
CA TRP B 240 -20.66 13.25 -3.03
C TRP B 240 -19.43 13.08 -2.16
N GLU B 241 -19.46 12.10 -1.24
CA GLU B 241 -18.37 11.94 -0.28
C GLU B 241 -17.14 11.29 -0.90
N GLY B 242 -17.34 10.32 -1.79
CA GLY B 242 -16.20 9.78 -2.50
C GLY B 242 -15.45 10.86 -3.26
N LEU B 243 -16.20 11.72 -3.96
CA LEU B 243 -15.58 12.84 -4.67
C LEU B 243 -14.98 13.84 -3.71
N GLU B 244 -15.51 13.94 -2.49
CA GLU B 244 -14.89 14.82 -1.50
C GLU B 244 -13.49 14.31 -1.11
N ILE B 245 -13.33 13.00 -0.95
CA ILE B 245 -12.00 12.48 -0.65
C ILE B 245 -11.04 12.81 -1.79
N VAL B 246 -11.46 12.52 -3.04
CA VAL B 246 -10.64 12.86 -4.20
C VAL B 246 -10.25 14.34 -4.13
N GLY B 247 -11.23 15.20 -3.85
CA GLY B 247 -10.95 16.62 -3.71
C GLY B 247 -9.91 16.93 -2.63
N ILE B 248 -10.05 16.28 -1.46
CA ILE B 248 -9.12 16.50 -0.35
C ILE B 248 -7.68 16.26 -0.81
N ILE B 249 -7.45 15.10 -1.43
CA ILE B 249 -6.12 14.75 -1.89
C ILE B 249 -5.63 15.75 -2.92
N LEU B 250 -6.45 16.02 -3.94
CA LEU B 250 -6.03 16.99 -4.94
C LEU B 250 -5.74 18.33 -4.30
N GLY B 251 -6.62 18.76 -3.38
CA GLY B 251 -6.45 20.04 -2.71
C GLY B 251 -5.15 20.13 -1.93
N ALA B 252 -4.85 19.13 -1.12
CA ALA B 252 -3.59 19.17 -0.37
C ALA B 252 -2.39 19.15 -1.32
N GLY B 253 -2.47 18.36 -2.40
CA GLY B 253 -1.35 18.27 -3.33
C GLY B 253 -1.05 19.59 -4.01
N VAL B 254 -2.08 20.27 -4.52
CA VAL B 254 -1.89 21.58 -5.14
C VAL B 254 -1.33 22.57 -4.13
N ALA B 255 -1.90 22.57 -2.94
CA ALA B 255 -1.47 23.49 -1.89
C ALA B 255 -0.02 23.21 -1.49
N ALA B 256 0.33 21.94 -1.32
CA ALA B 256 1.71 21.62 -0.97
C ALA B 256 2.67 21.97 -2.10
N ALA B 257 2.30 21.60 -3.33
CA ALA B 257 3.15 21.92 -4.48
C ALA B 257 3.41 23.42 -4.61
N VAL B 258 2.35 24.24 -4.52
CA VAL B 258 2.52 25.68 -4.68
C VAL B 258 3.38 26.26 -3.57
N ALA B 259 3.30 25.71 -2.36
CA ALA B 259 4.14 26.15 -1.26
C ALA B 259 5.55 25.59 -1.33
N GLY B 260 5.88 24.91 -2.44
CA GLY B 260 7.14 24.21 -2.57
C GLY B 260 7.37 23.20 -1.47
N GLU B 261 6.29 22.66 -0.89
CA GLU B 261 6.36 21.68 0.20
C GLU B 261 6.10 20.25 -0.25
N PHE B 262 5.74 20.03 -1.53
CA PHE B 262 5.49 18.68 -2.02
C PHE B 262 6.80 17.94 -2.23
N LYS B 263 6.81 16.67 -1.81
CA LYS B 263 7.95 15.78 -2.01
C LYS B 263 7.52 14.35 -1.75
N LEU B 264 7.79 13.43 -2.69
CA LEU B 264 7.61 12.02 -2.41
C LEU B 264 8.55 11.63 -1.26
N ARG B 265 7.99 11.05 -0.21
CA ARG B 265 8.69 10.86 1.05
C ARG B 265 8.58 9.40 1.51
N MET B 266 9.65 8.94 2.18
CA MET B 266 9.89 7.65 2.79
C MET B 266 10.18 7.83 4.27
N PRO B 267 9.72 6.91 5.12
CA PRO B 267 10.08 7.02 6.54
C PRO B 267 11.54 6.64 6.74
N LYS B 268 12.07 7.02 7.90
CA LYS B 268 13.45 6.67 8.24
C LYS B 268 13.64 5.15 8.36
N ASN B 269 12.72 4.46 9.06
CA ASN B 269 12.85 3.02 9.28
C ASN B 269 11.71 2.28 8.59
N PRO B 270 12.03 1.22 7.84
CA PRO B 270 10.99 0.50 7.07
C PRO B 270 9.84 -0.04 7.91
N VAL B 271 10.06 -0.35 9.19
CA VAL B 271 8.99 -0.89 10.03
C VAL B 271 7.82 0.09 10.17
N THR B 272 8.06 1.39 9.97
CA THR B 272 6.98 2.38 10.01
C THR B 272 5.82 1.98 9.09
N TYR B 273 6.13 1.34 7.95
CA TYR B 273 5.08 0.88 7.04
C TYR B 273 4.19 -0.16 7.69
N LEU B 274 4.79 -1.07 8.46
CA LEU B 274 4.03 -2.06 9.21
C LEU B 274 3.16 -1.37 10.26
N GLN B 275 3.79 -0.47 11.02
CA GLN B 275 3.10 0.38 11.98
C GLN B 275 1.88 1.07 11.37
N VAL B 276 2.10 1.91 10.34
CA VAL B 276 0.98 2.72 9.85
C VAL B 276 -0.04 1.85 9.15
N GLY B 277 0.38 0.69 8.64
CA GLY B 277 -0.57 -0.23 8.04
C GLY B 277 -1.52 -0.79 9.07
N ILE B 278 -0.97 -1.31 10.16
CA ILE B 278 -1.80 -1.76 11.27
C ILE B 278 -2.68 -0.62 11.79
N GLY B 279 -2.09 0.56 11.96
CA GLY B 279 -2.86 1.71 12.40
C GLY B 279 -4.05 1.99 11.51
N GLY B 280 -3.82 2.03 10.19
CA GLY B 280 -4.92 2.25 9.27
C GLY B 280 -6.03 1.23 9.41
N LEU B 281 -5.66 -0.03 9.65
CA LEU B 281 -6.63 -1.08 9.89
C LEU B 281 -7.44 -0.83 11.16
N LEU B 282 -6.75 -0.48 12.25
CA LEU B 282 -7.46 -0.13 13.47
C LEU B 282 -8.42 1.02 13.20
N MET B 283 -7.99 2.00 12.40
CA MET B 283 -8.86 3.12 12.11
C MET B 283 -10.10 2.67 11.36
N GLY B 284 -9.92 1.79 10.37
CA GLY B 284 -11.06 1.30 9.62
C GLY B 284 -12.08 0.61 10.49
N ILE B 285 -11.60 -0.27 11.38
CA ILE B 285 -12.51 -0.97 12.27
C ILE B 285 -13.13 0.01 13.25
N GLY B 286 -12.32 0.90 13.81
CA GLY B 286 -12.82 1.82 14.82
C GLY B 286 -13.84 2.79 14.25
N ALA B 287 -13.54 3.38 13.09
CA ALA B 287 -14.40 4.42 12.55
C ALA B 287 -15.77 3.87 12.20
N VAL B 288 -15.80 2.69 11.55
CA VAL B 288 -17.06 2.07 11.18
C VAL B 288 -17.82 1.63 12.41
N THR B 289 -17.13 1.00 13.37
CA THR B 289 -17.76 0.66 14.64
C THR B 289 -18.32 1.90 15.32
N ALA B 290 -17.55 2.98 15.36
CA ALA B 290 -18.02 4.19 16.04
C ALA B 290 -19.11 4.91 15.26
N GLY B 291 -19.29 4.63 13.98
CA GLY B 291 -20.22 5.39 13.19
C GLY B 291 -19.66 6.71 12.69
N GLY B 292 -18.35 6.90 12.73
CA GLY B 292 -17.76 8.14 12.29
C GLY B 292 -16.35 8.26 12.83
N CYS B 293 -15.64 9.25 12.31
CA CYS B 293 -14.22 9.42 12.56
C CYS B 293 -13.97 10.83 13.08
N ASN B 294 -12.69 11.21 13.11
CA ASN B 294 -12.27 12.55 13.51
C ASN B 294 -13.10 13.66 12.83
N ILE B 295 -13.53 13.45 11.58
CA ILE B 295 -14.29 14.45 10.85
C ILE B 295 -15.79 14.20 11.02
N GLY B 296 -16.25 13.02 10.63
CA GLY B 296 -17.68 12.73 10.69
C GLY B 296 -18.29 12.93 12.06
N HIS B 297 -17.60 12.51 13.13
CA HIS B 297 -18.10 12.67 14.50
C HIS B 297 -17.60 13.95 15.16
N PHE B 298 -16.28 14.15 15.18
CA PHE B 298 -15.74 15.26 15.97
C PHE B 298 -15.95 16.60 15.27
N LEU B 299 -15.47 16.76 14.04
CA LEU B 299 -15.55 18.08 13.42
C LEU B 299 -16.97 18.42 12.99
N THR B 300 -17.73 17.45 12.49
CA THR B 300 -19.06 17.71 11.95
C THR B 300 -20.17 17.38 12.93
N GLY B 301 -19.97 16.43 13.83
CA GLY B 301 -21.04 15.98 14.70
C GLY B 301 -21.16 16.77 15.99
N VAL B 302 -20.00 17.03 16.63
CA VAL B 302 -19.99 17.79 17.88
C VAL B 302 -20.71 19.12 17.75
N PRO B 303 -20.50 19.92 16.69
CA PRO B 303 -21.24 21.21 16.60
C PRO B 303 -22.73 21.03 16.43
N GLN B 304 -23.19 19.89 15.94
CA GLN B 304 -24.60 19.57 15.91
C GLN B 304 -25.13 19.20 17.28
N LEU B 305 -24.25 19.10 18.27
CA LEU B 305 -24.61 18.76 19.65
C LEU B 305 -25.12 17.34 19.76
N ALA B 306 -24.62 16.47 18.88
CA ALA B 306 -25.08 15.09 18.83
C ALA B 306 -24.41 14.28 19.93
N LEU B 307 -25.23 13.59 20.74
CA LEU B 307 -24.69 12.88 21.89
C LEU B 307 -23.71 11.79 21.45
N SER B 308 -24.04 11.07 20.38
CA SER B 308 -23.14 10.08 19.81
C SER B 308 -21.78 10.68 19.51
N SER B 309 -21.77 11.87 18.91
CA SER B 309 -20.51 12.48 18.50
C SER B 309 -19.70 12.96 19.69
N TRP B 310 -20.36 13.56 20.69
CA TRP B 310 -19.62 13.96 21.90
C TRP B 310 -19.01 12.74 22.57
N LEU B 311 -19.77 11.66 22.67
CA LEU B 311 -19.31 10.46 23.36
C LEU B 311 -18.15 9.80 22.62
N ALA B 312 -18.28 9.60 21.30
CA ALA B 312 -17.20 8.98 20.52
C ALA B 312 -15.94 9.83 20.54
N SER B 313 -16.09 11.15 20.54
CA SER B 313 -14.94 12.05 20.61
C SER B 313 -14.18 11.87 21.91
N ILE B 314 -14.92 11.75 23.02
CA ILE B 314 -14.26 11.48 24.30
C ILE B 314 -13.32 10.29 24.15
N PHE B 315 -13.78 9.22 23.52
CA PHE B 315 -12.92 8.06 23.47
C PHE B 315 -11.92 8.06 22.32
N PHE B 316 -12.16 8.84 21.24
CA PHE B 316 -11.09 9.16 20.29
C PHE B 316 -9.87 9.64 21.07
N ILE B 317 -10.12 10.60 21.98
CA ILE B 317 -9.05 11.23 22.76
C ILE B 317 -8.45 10.24 23.75
N LEU B 318 -9.29 9.45 24.42
CA LEU B 318 -8.72 8.50 25.37
C LEU B 318 -7.88 7.45 24.66
N GLY B 319 -8.32 7.01 23.48
CA GLY B 319 -7.56 6.04 22.73
C GLY B 319 -6.26 6.60 22.18
N ASN B 320 -6.31 7.84 21.69
CA ASN B 320 -5.11 8.55 21.26
C ASN B 320 -4.09 8.61 22.39
N TRP B 321 -4.54 9.00 23.61
CA TRP B 321 -3.66 9.08 24.78
C TRP B 321 -3.03 7.72 25.11
N THR B 322 -3.85 6.68 25.20
CA THR B 322 -3.32 5.34 25.43
C THR B 322 -2.20 5.02 24.45
N MET B 323 -2.49 5.10 23.14
CA MET B 323 -1.47 4.72 22.16
C MET B 323 -0.27 5.66 22.23
N ALA B 324 -0.50 6.95 22.53
CA ALA B 324 0.60 7.89 22.68
C ALA B 324 1.60 7.44 23.75
N TRP B 325 1.09 6.86 24.88
CA TRP B 325 1.99 6.34 25.91
C TRP B 325 2.74 5.09 25.43
N ILE B 326 2.02 4.11 24.89
CA ILE B 326 2.68 2.92 24.34
C ILE B 326 3.80 3.30 23.38
N LEU B 327 3.56 4.28 22.50
CA LEU B 327 4.56 4.65 21.51
C LEU B 327 5.57 5.67 22.02
N PHE B 328 5.12 6.73 22.69
CA PHE B 328 6.03 7.84 23.01
C PHE B 328 6.21 7.98 24.51
N ARG B 329 6.70 6.93 25.15
CA ARG B 329 7.00 6.94 26.56
C ARG B 329 8.49 7.17 26.78
N ALA B 372 24.44 27.77 2.82
CA ALA B 372 24.82 28.68 3.89
C ALA B 372 26.02 28.16 4.71
N ASN B 373 26.90 29.07 5.09
CA ASN B 373 28.07 28.77 5.91
C ASN B 373 27.75 29.06 7.38
N TYR B 374 27.80 28.02 8.23
CA TYR B 374 27.38 28.17 9.61
C TYR B 374 28.21 27.33 10.58
N GLN B 375 29.40 26.87 10.19
CA GLN B 375 30.28 26.11 11.06
C GLN B 375 29.67 24.77 11.47
N VAL B 376 28.63 24.80 12.32
CA VAL B 376 27.87 23.64 12.73
C VAL B 376 28.71 22.72 13.61
N SER B 377 28.33 22.62 14.89
CA SER B 377 29.02 21.73 15.83
C SER B 377 28.47 20.31 15.76
N LYS B 378 27.17 20.15 15.57
CA LYS B 378 26.57 18.84 15.42
C LYS B 378 25.30 18.94 14.57
N GLU B 379 25.04 17.86 13.84
CA GLU B 379 23.90 17.78 12.92
C GLU B 379 23.01 16.62 13.32
N ILE B 380 21.71 16.87 13.41
CA ILE B 380 20.72 15.81 13.61
C ILE B 380 19.83 15.75 12.37
N ASP B 381 19.69 14.56 11.82
CA ASP B 381 18.91 14.34 10.60
C ASP B 381 17.65 13.58 11.00
N VAL B 382 16.54 14.30 11.09
CA VAL B 382 15.26 13.70 11.41
C VAL B 382 14.35 13.67 10.18
N ARG B 383 14.94 13.70 8.99
CA ARG B 383 14.15 13.59 7.78
C ARG B 383 13.46 12.23 7.74
N GLY B 384 12.16 12.24 7.52
CA GLY B 384 11.37 11.02 7.46
C GLY B 384 10.93 10.44 8.78
N GLU B 385 11.07 11.23 9.84
CA GLU B 385 10.74 10.77 11.21
C GLU B 385 9.40 11.38 11.58
N VAL B 386 8.61 10.63 12.35
CA VAL B 386 7.14 10.89 12.40
C VAL B 386 6.87 12.01 13.41
N CYS B 387 6.03 12.97 13.06
CA CYS B 387 5.85 14.20 13.88
C CYS B 387 5.03 13.85 15.12
N PRO B 388 5.64 13.58 16.31
CA PRO B 388 6.33 14.59 17.11
C PRO B 388 7.88 14.54 17.14
N ILE B 389 8.49 13.65 16.37
CA ILE B 389 9.89 13.20 16.62
C ILE B 389 10.86 14.34 16.28
N PRO B 390 10.72 15.06 15.15
CA PRO B 390 11.64 16.17 14.86
C PRO B 390 11.73 17.17 15.98
N ASP B 391 10.58 17.62 16.49
CA ASP B 391 10.54 18.49 17.65
C ASP B 391 11.23 17.85 18.86
N VAL B 392 10.99 16.55 19.08
CA VAL B 392 11.53 15.89 20.26
C VAL B 392 13.04 15.75 20.16
N GLU B 393 13.55 15.27 19.01
CA GLU B 393 14.98 15.10 18.87
C GLU B 393 15.71 16.44 18.77
N ALA B 394 15.02 17.50 18.33
CA ALA B 394 15.63 18.82 18.31
C ALA B 394 15.74 19.37 19.73
N LYS B 395 14.73 19.13 20.55
CA LYS B 395 14.78 19.57 21.95
C LYS B 395 15.92 18.88 22.68
N ARG B 396 15.99 17.56 22.57
CA ARG B 396 17.04 16.80 23.24
C ARG B 396 18.42 17.22 22.76
N ALA B 397 18.54 17.58 21.48
CA ALA B 397 19.85 17.95 20.94
C ALA B 397 20.33 19.28 21.51
N VAL B 398 19.41 20.23 21.71
CA VAL B 398 19.81 21.54 22.22
C VAL B 398 20.23 21.45 23.68
N GLN B 399 19.48 20.71 24.49
CA GLN B 399 19.83 20.56 25.90
C GLN B 399 21.14 19.82 26.07
N SER B 400 21.35 18.75 25.30
CA SER B 400 22.60 18.00 25.31
C SER B 400 23.66 18.67 24.45
N ALA B 401 23.86 19.97 24.64
CA ALA B 401 24.82 20.71 23.82
C ALA B 401 25.39 21.84 24.66
N ASN B 402 26.55 22.33 24.22
CA ASN B 402 27.29 23.33 24.96
C ASN B 402 26.94 24.72 24.46
N ASP B 403 27.18 25.71 25.32
CA ASP B 403 26.89 27.09 24.96
C ASP B 403 27.65 27.49 23.71
N GLY B 404 27.00 28.28 22.85
CA GLY B 404 27.61 28.75 21.62
C GLY B 404 27.63 27.77 20.48
N GLU B 405 27.32 26.50 20.72
CA GLU B 405 27.31 25.51 19.65
C GLU B 405 26.22 25.80 18.63
N ILE B 406 26.51 25.56 17.35
CA ILE B 406 25.56 25.76 16.27
C ILE B 406 24.95 24.41 15.91
N ILE B 407 23.63 24.33 15.93
CA ILE B 407 22.89 23.08 15.74
C ILE B 407 22.22 23.10 14.38
N LEU B 408 22.43 22.04 13.59
CA LEU B 408 21.77 21.85 12.29
C LEU B 408 20.77 20.70 12.41
N VAL B 409 19.48 21.03 12.28
CA VAL B 409 18.42 20.02 12.27
C VAL B 409 17.89 19.92 10.84
N ARG B 410 17.87 18.70 10.32
CA ARG B 410 17.41 18.41 8.97
C ARG B 410 16.02 17.81 9.03
N ILE B 411 15.05 18.48 8.41
CA ILE B 411 13.66 18.02 8.45
C ILE B 411 13.11 17.94 7.03
N ASP B 412 12.01 17.18 6.89
CA ASP B 412 11.31 17.14 5.62
C ASP B 412 9.80 17.00 5.81
N TYR B 413 9.26 17.51 6.91
CA TYR B 413 7.83 17.68 7.03
C TYR B 413 7.54 19.13 7.43
N PRO B 414 6.70 19.86 6.67
CA PRO B 414 6.62 21.32 6.87
C PRO B 414 6.01 21.75 8.20
N ALA B 415 5.22 20.90 8.88
CA ALA B 415 4.76 21.25 10.21
C ALA B 415 5.93 21.48 11.16
N SER B 416 6.94 20.60 11.13
CA SER B 416 8.03 20.69 12.10
C SER B 416 8.77 22.02 12.02
N LYS B 417 8.91 22.59 10.82
CA LYS B 417 9.64 23.84 10.72
C LYS B 417 8.90 25.03 11.33
N GLU B 418 7.63 24.87 11.74
CA GLU B 418 6.92 25.93 12.44
C GLU B 418 6.77 25.65 13.93
N ARG B 419 7.09 24.45 14.38
CA ARG B 419 7.07 24.09 15.80
C ARG B 419 8.45 24.18 16.43
N ILE B 420 9.48 23.68 15.75
CA ILE B 420 10.82 23.71 16.32
C ILE B 420 11.26 25.12 16.71
N PRO B 421 11.00 26.18 15.93
CA PRO B 421 11.39 27.53 16.39
C PRO B 421 10.88 27.90 17.77
N GLU B 422 9.63 27.58 18.11
CA GLU B 422 9.12 27.94 19.42
C GLU B 422 9.71 27.06 20.51
N THR B 423 9.84 25.76 20.24
CA THR B 423 10.52 24.86 21.17
C THR B 423 11.93 25.34 21.46
N VAL B 424 12.58 25.98 20.49
CA VAL B 424 13.95 26.45 20.71
C VAL B 424 13.95 27.69 21.58
N LYS B 425 13.06 28.66 21.31
CA LYS B 425 13.06 29.89 22.09
C LYS B 425 12.69 29.64 23.55
N LYS B 426 11.80 28.69 23.82
CA LYS B 426 11.48 28.36 25.19
C LYS B 426 12.58 27.56 25.89
N LEU B 427 13.70 27.34 25.21
CA LEU B 427 14.87 26.68 25.79
C LEU B 427 16.03 27.64 26.02
N GLY B 428 15.93 28.89 25.57
CA GLY B 428 17.02 29.84 25.68
C GLY B 428 17.73 30.09 24.38
N SER B 429 17.89 29.04 23.57
CA SER B 429 18.57 29.16 22.29
C SER B 429 17.71 29.91 21.28
N GLU B 430 18.28 30.17 20.10
CA GLU B 430 17.61 30.93 19.06
C GLU B 430 17.90 30.30 17.70
N VAL B 431 16.90 30.30 16.83
CA VAL B 431 17.07 29.76 15.48
C VAL B 431 17.70 30.82 14.59
N LEU B 432 18.81 30.48 13.95
CA LEU B 432 19.54 31.43 13.12
C LEU B 432 18.86 31.64 11.78
N GLU B 433 18.52 30.54 11.10
CA GLU B 433 17.94 30.61 9.77
C GLU B 433 17.33 29.25 9.43
N ILE B 434 16.20 29.27 8.73
CA ILE B 434 15.60 28.07 8.17
C ILE B 434 15.75 28.19 6.67
N GLU B 435 16.59 27.34 6.08
CA GLU B 435 16.87 27.38 4.66
C GLU B 435 16.27 26.15 3.98
N GLU B 436 15.99 26.30 2.69
CA GLU B 436 15.41 25.22 1.90
C GLU B 436 16.53 24.48 1.19
N ALA B 437 16.69 23.19 1.52
CA ALA B 437 17.72 22.37 0.89
C ALA B 437 17.21 21.80 -0.43
N ALA B 438 16.33 20.82 -0.36
CA ALA B 438 15.58 20.29 -1.48
C ALA B 438 14.17 20.84 -1.45
N PRO B 439 13.34 20.54 -2.45
CA PRO B 439 11.91 20.86 -2.30
C PRO B 439 11.30 19.96 -1.25
N GLY B 440 10.50 20.56 -0.36
CA GLY B 440 9.96 19.81 0.76
C GLY B 440 10.97 19.48 1.84
N GLU B 441 12.13 20.14 1.83
CA GLU B 441 13.21 19.85 2.77
C GLU B 441 13.83 21.14 3.31
N TRP B 442 14.13 21.15 4.61
CA TRP B 442 14.58 22.36 5.26
C TRP B 442 15.71 22.07 6.24
N ASN B 443 16.68 22.98 6.30
CA ASN B 443 17.76 22.95 7.29
C ASN B 443 17.47 24.01 8.35
N ILE B 444 17.44 23.58 9.61
CA ILE B 444 17.17 24.48 10.72
C ILE B 444 18.49 24.65 11.47
N TYR B 445 18.97 25.90 11.55
CA TYR B 445 20.22 26.22 12.23
C TYR B 445 19.92 26.91 13.56
N ILE B 446 20.37 26.29 14.65
CA ILE B 446 20.09 26.76 16.00
C ILE B 446 21.41 27.12 16.70
N LYS B 447 21.50 28.35 17.19
CA LYS B 447 22.60 28.77 18.07
C LYS B 447 22.19 28.53 19.53
N VAL B 448 22.99 27.74 20.24
CA VAL B 448 22.68 27.34 21.61
C VAL B 448 23.25 28.36 22.59
N LYS B 449 22.39 28.88 23.46
CA LYS B 449 22.78 29.86 24.46
C LYS B 449 22.70 29.23 25.85
N LYS B 450 23.77 29.41 26.64
CA LYS B 450 23.90 28.80 27.97
C LYS B 450 23.70 27.29 27.90
#